data_5RB2
#
_entry.id   5RB2
#
_cell.length_a   57.770
_cell.length_b   93.660
_cell.length_c   93.430
_cell.angle_alpha   90.000
_cell.angle_beta   107.830
_cell.angle_gamma   90.000
#
_symmetry.space_group_name_H-M   'P 1 21 1'
#
loop_
_entity.id
_entity.type
_entity.pdbx_description
1 polymer 'Lysine-specific demethylase 3B'
2 non-polymer 2-methyl-1,3-benzoxazol-6-ol
3 non-polymer 'CHLORIDE ION'
4 non-polymer 'MANGANESE (II) ION'
5 water water
#
_entity_poly.entity_id   1
_entity_poly.type   'polypeptide(L)'
_entity_poly.pdbx_seq_one_letter_code
;MHHHHHHSSGVDLGTENLYFQSMTSHSWLCDGRLLCLHDPSNKNNWKIFRECWKQGQPVLVSGVHKKLKSELWKPEAFSQ
EFGDQDVDLVNCRNCAIISDVKVRDFWDGFEIICKRLRSEDGQPMVLKLKDWPPGEDFRDMMPTRFEDLMENLPLPEYTK
RDGRLNLASRLPSYFVRPDLGPKMYNAYGLITAEDRRVGTTNLHLDVSDAVNVMVYVGIPIGEGAHDEEVLKTIDEGDAD
EVTKERIHDHKEKPGALWHIYAAKDAEKIRELLRKVGEEQGQENPPDHDPIHDQSWYLDQTLRKRLYEEYGVQGWAIVQF
LGDAVFIPAGAPHQVHNLYSCIKVAEDFVSPEHVKHCFRLTQEFRHLSNTHT
;
_entity_poly.pdbx_strand_id   A,B
#
loop_
_chem_comp.id
_chem_comp.type
_chem_comp.name
_chem_comp.formula
CL non-polymer 'CHLORIDE ION' 'Cl -1'
MN non-polymer 'MANGANESE (II) ION' 'Mn 2'
S9P non-polymer 2-methyl-1,3-benzoxazol-6-ol 'C8 H7 N O2'
#
# COMPACT_ATOMS: atom_id res chain seq x y z
N SER A 22 -3.87 11.71 49.84
CA SER A 22 -4.84 10.57 49.78
C SER A 22 -4.89 10.00 48.35
N MET A 23 -4.93 8.67 48.26
N MET A 23 -4.93 8.67 48.20
CA MET A 23 -5.22 7.93 46.99
CA MET A 23 -5.03 8.00 46.87
C MET A 23 -6.56 8.45 46.47
C MET A 23 -6.48 8.15 46.36
N THR A 24 -6.62 8.74 45.16
CA THR A 24 -7.88 9.13 44.52
C THR A 24 -7.98 8.39 43.17
N SER A 25 -9.19 8.28 42.69
CA SER A 25 -9.48 7.50 41.44
C SER A 25 -8.86 8.22 40.22
N HIS A 26 -8.87 9.54 40.18
CA HIS A 26 -8.47 10.36 39.00
C HIS A 26 -8.21 11.81 39.36
N SER A 27 -7.71 12.56 38.41
CA SER A 27 -7.45 14.01 38.45
C SER A 27 -7.47 14.54 37.01
N TRP A 28 -7.18 15.83 36.86
CA TRP A 28 -7.30 16.48 35.52
C TRP A 28 -5.94 17.13 35.20
N LEU A 29 -5.60 17.13 33.92
CA LEU A 29 -4.49 17.93 33.40
C LEU A 29 -5.07 18.81 32.28
N CYS A 30 -4.23 19.56 31.58
CA CYS A 30 -4.66 20.45 30.46
C CYS A 30 -5.85 21.34 30.89
N ASP A 31 -5.80 21.86 32.12
CA ASP A 31 -6.84 22.80 32.69
C ASP A 31 -8.23 22.16 32.69
N GLY A 32 -8.36 20.85 32.94
CA GLY A 32 -9.65 20.13 32.93
C GLY A 32 -9.99 19.42 31.65
N ARG A 33 -9.18 19.62 30.58
CA ARG A 33 -9.48 19.04 29.26
C ARG A 33 -8.93 17.61 29.11
N LEU A 34 -8.11 17.11 30.04
CA LEU A 34 -7.48 15.73 29.93
C LEU A 34 -7.75 14.94 31.22
N LEU A 35 -8.47 13.84 31.12
CA LEU A 35 -8.64 12.87 32.23
C LEU A 35 -7.31 12.16 32.53
N CYS A 36 -6.92 12.10 33.81
N CYS A 36 -6.96 12.05 33.81
CA CYS A 36 -5.78 11.29 34.31
CA CYS A 36 -5.81 11.28 34.32
C CYS A 36 -6.29 10.25 35.32
C CYS A 36 -6.29 10.23 35.34
N LEU A 37 -6.37 8.98 34.91
CA LEU A 37 -6.75 7.86 35.81
C LEU A 37 -5.52 7.46 36.65
N HIS A 38 -5.70 7.13 37.94
CA HIS A 38 -4.52 6.88 38.83
C HIS A 38 -4.22 5.39 39.07
N ASP A 39 -5.19 4.52 38.93
CA ASP A 39 -5.08 3.07 39.25
C ASP A 39 -5.28 2.31 37.96
N PRO A 40 -4.20 1.77 37.32
CA PRO A 40 -4.34 1.10 36.03
C PRO A 40 -5.25 -0.14 36.00
N SER A 41 -5.50 -0.79 37.14
CA SER A 41 -6.26 -2.06 37.19
C SER A 41 -7.57 -1.87 37.94
N ASN A 42 -8.00 -0.62 38.18
CA ASN A 42 -9.33 -0.35 38.79
C ASN A 42 -10.45 -0.84 37.85
N LYS A 43 -11.28 -1.79 38.31
CA LYS A 43 -12.40 -2.40 37.53
C LYS A 43 -13.48 -1.37 37.16
N ASN A 44 -13.51 -0.22 37.84
CA ASN A 44 -14.51 0.86 37.59
C ASN A 44 -13.95 2.02 36.69
N ASN A 45 -12.76 1.91 36.15
CA ASN A 45 -12.16 2.95 35.25
C ASN A 45 -13.08 3.28 34.07
N TRP A 46 -13.72 2.25 33.46
CA TRP A 46 -14.54 2.43 32.25
C TRP A 46 -15.64 3.50 32.44
N LYS A 47 -16.18 3.62 33.66
CA LYS A 47 -17.30 4.56 33.93
C LYS A 47 -16.88 6.02 33.75
N ILE A 48 -15.66 6.37 34.13
CA ILE A 48 -15.05 7.74 34.00
C ILE A 48 -14.49 7.91 32.56
N PHE A 49 -13.87 6.87 32.03
CA PHE A 49 -13.21 6.86 30.69
C PHE A 49 -14.17 7.10 29.55
N ARG A 50 -15.31 6.38 29.58
N ARG A 50 -15.29 6.38 29.52
CA ARG A 50 -16.24 6.24 28.43
CA ARG A 50 -16.12 6.29 28.31
C ARG A 50 -16.78 7.61 28.00
C ARG A 50 -16.75 7.65 27.97
N GLU A 51 -17.08 8.48 28.97
CA GLU A 51 -17.63 9.85 28.72
C GLU A 51 -16.61 10.72 27.95
N CYS A 52 -15.36 10.71 28.43
CA CYS A 52 -14.29 11.53 27.80
C CYS A 52 -13.96 10.97 26.39
N TRP A 53 -13.86 9.65 26.30
CA TRP A 53 -13.50 8.96 25.05
C TRP A 53 -14.54 9.22 23.94
N LYS A 54 -15.83 9.19 24.30
CA LYS A 54 -16.92 9.39 23.30
C LYS A 54 -16.81 10.80 22.71
N GLN A 55 -16.26 11.78 23.43
CA GLN A 55 -16.08 13.19 23.01
C GLN A 55 -14.82 13.37 22.14
N GLY A 56 -14.05 12.34 21.92
CA GLY A 56 -12.88 12.39 20.99
C GLY A 56 -11.62 12.86 21.71
N GLN A 57 -11.63 12.89 23.04
CA GLN A 57 -10.44 13.32 23.81
C GLN A 57 -9.43 12.19 24.00
N PRO A 58 -8.12 12.53 24.07
CA PRO A 58 -7.13 11.60 24.60
C PRO A 58 -7.32 11.43 26.12
N VAL A 59 -6.73 10.37 26.69
CA VAL A 59 -6.81 10.02 28.12
C VAL A 59 -5.41 9.56 28.57
N LEU A 60 -5.02 9.88 29.79
CA LEU A 60 -3.73 9.45 30.39
C LEU A 60 -4.06 8.48 31.54
N VAL A 61 -3.31 7.37 31.65
CA VAL A 61 -3.41 6.46 32.82
C VAL A 61 -2.01 6.31 33.45
N SER A 62 -1.84 6.69 34.72
CA SER A 62 -0.50 6.64 35.38
C SER A 62 -0.35 5.30 36.16
N GLY A 63 0.92 4.88 36.40
CA GLY A 63 1.24 3.78 37.32
C GLY A 63 1.45 2.43 36.69
N VAL A 64 1.48 2.29 35.35
CA VAL A 64 1.54 0.96 34.68
C VAL A 64 2.91 0.30 35.01
N HIS A 65 3.98 1.11 35.17
CA HIS A 65 5.35 0.57 35.48
C HIS A 65 5.32 -0.28 36.76
N LYS A 66 4.49 0.09 37.73
CA LYS A 66 4.41 -0.67 39.02
C LYS A 66 3.77 -2.05 38.80
N LYS A 67 3.08 -2.30 37.68
CA LYS A 67 2.43 -3.58 37.37
C LYS A 67 3.39 -4.52 36.61
N LEU A 68 4.51 -4.02 36.09
CA LEU A 68 5.35 -4.77 35.12
C LEU A 68 6.57 -5.36 35.86
N LYS A 69 7.21 -6.33 35.24
CA LYS A 69 8.52 -6.92 35.71
C LYS A 69 9.66 -6.04 35.16
N SER A 70 10.17 -5.12 35.97
CA SER A 70 11.14 -4.05 35.60
C SER A 70 12.39 -4.65 34.94
N GLU A 71 12.82 -5.85 35.32
CA GLU A 71 14.03 -6.46 34.71
C GLU A 71 13.83 -6.80 33.21
N LEU A 72 12.59 -6.98 32.72
CA LEU A 72 12.31 -7.33 31.32
C LEU A 72 12.42 -6.07 30.41
N TRP A 73 12.47 -4.87 30.98
CA TRP A 73 12.35 -3.63 30.16
C TRP A 73 13.63 -2.76 30.23
N LYS A 74 14.80 -3.35 30.50
CA LYS A 74 16.06 -2.56 30.60
C LYS A 74 16.82 -2.60 29.27
N PRO A 75 17.44 -1.49 28.86
CA PRO A 75 18.25 -1.45 27.64
C PRO A 75 19.40 -2.51 27.60
N GLU A 76 20.06 -2.77 28.73
CA GLU A 76 21.19 -3.76 28.79
C GLU A 76 20.67 -5.18 28.48
N ALA A 77 19.45 -5.54 28.89
CA ALA A 77 18.87 -6.87 28.59
C ALA A 77 18.61 -6.98 27.09
N PHE A 78 18.05 -5.94 26.45
CA PHE A 78 17.78 -5.98 25.00
C PHE A 78 19.12 -6.17 24.26
N SER A 79 20.15 -5.45 24.67
CA SER A 79 21.48 -5.54 23.99
C SER A 79 22.07 -6.97 24.12
N GLN A 80 21.98 -7.54 25.30
CA GLN A 80 22.54 -8.89 25.65
C GLN A 80 21.81 -9.97 24.86
N GLU A 81 20.47 -9.93 24.81
CA GLU A 81 19.64 -11.01 24.19
C GLU A 81 19.56 -10.89 22.66
N PHE A 82 19.55 -9.69 22.08
CA PHE A 82 19.21 -9.46 20.66
C PHE A 82 20.30 -8.68 19.91
N GLY A 83 21.47 -8.40 20.54
CA GLY A 83 22.45 -7.43 20.01
C GLY A 83 23.04 -7.73 18.64
N ASP A 84 23.02 -9.02 18.22
CA ASP A 84 23.60 -9.41 16.90
C ASP A 84 22.62 -9.29 15.73
N GLN A 85 21.37 -8.85 15.95
CA GLN A 85 20.43 -8.61 14.83
C GLN A 85 20.81 -7.39 14.01
N ASP A 86 20.61 -7.45 12.70
CA ASP A 86 20.84 -6.32 11.76
C ASP A 86 19.59 -5.40 11.67
N VAL A 87 19.83 -4.07 11.68
CA VAL A 87 18.74 -3.06 11.78
C VAL A 87 19.19 -1.81 11.04
N ASP A 88 18.23 -0.90 10.78
CA ASP A 88 18.50 0.46 10.31
C ASP A 88 18.11 1.43 11.44
N LEU A 89 18.87 2.50 11.55
CA LEU A 89 18.60 3.63 12.48
C LEU A 89 18.22 4.86 11.68
N VAL A 90 17.63 5.84 12.34
CA VAL A 90 17.40 7.21 11.80
C VAL A 90 18.11 8.26 12.65
N ASN A 91 18.80 9.21 11.98
CA ASN A 91 19.37 10.41 12.61
C ASN A 91 18.20 11.40 12.78
N CYS A 92 17.73 11.63 14.01
CA CYS A 92 16.52 12.45 14.25
C CYS A 92 16.75 13.90 13.78
N ARG A 93 17.99 14.40 13.79
CA ARG A 93 18.29 15.83 13.47
C ARG A 93 18.11 16.13 11.98
N ASN A 94 18.39 15.20 11.07
CA ASN A 94 18.39 15.48 9.60
C ASN A 94 17.67 14.38 8.80
N CYS A 95 17.04 13.39 9.44
CA CYS A 95 16.31 12.25 8.82
C CYS A 95 17.20 11.30 8.00
N ALA A 96 18.51 11.40 8.07
CA ALA A 96 19.44 10.45 7.38
C ALA A 96 19.20 9.04 7.93
N ILE A 97 19.26 8.04 7.06
CA ILE A 97 19.15 6.59 7.43
C ILE A 97 20.57 6.00 7.62
N ILE A 98 20.80 5.34 8.75
CA ILE A 98 22.06 4.60 9.01
C ILE A 98 21.72 3.13 8.75
N SER A 99 22.21 2.56 7.63
CA SER A 99 21.79 1.23 7.10
C SER A 99 22.62 0.07 7.65
N ASP A 100 21.94 -1.01 7.99
CA ASP A 100 22.49 -2.38 8.16
C ASP A 100 23.58 -2.36 9.24
N VAL A 101 23.27 -1.83 10.43
CA VAL A 101 24.19 -1.89 11.59
C VAL A 101 23.62 -2.89 12.61
N LYS A 102 24.36 -3.24 13.65
CA LYS A 102 23.91 -4.19 14.69
C LYS A 102 23.05 -3.46 15.71
N VAL A 103 22.03 -4.12 16.22
CA VAL A 103 21.17 -3.46 17.22
C VAL A 103 21.92 -3.10 18.51
N ARG A 104 22.99 -3.82 18.89
CA ARG A 104 23.82 -3.39 20.07
C ARG A 104 24.42 -1.99 19.82
N ASP A 105 24.68 -1.56 18.58
CA ASP A 105 25.30 -0.24 18.29
C ASP A 105 24.32 0.86 18.75
N PHE A 106 23.01 0.57 18.70
CA PHE A 106 21.99 1.50 19.26
C PHE A 106 21.92 1.36 20.78
N TRP A 107 21.66 0.14 21.28
CA TRP A 107 21.40 -0.07 22.74
C TRP A 107 22.58 0.37 23.62
N ASP A 108 23.82 0.11 23.22
CA ASP A 108 25.00 0.43 24.10
C ASP A 108 25.22 1.94 24.30
N GLY A 109 24.68 2.83 23.43
CA GLY A 109 24.71 4.28 23.56
C GLY A 109 23.41 4.85 24.15
N PHE A 110 22.49 4.04 24.63
CA PHE A 110 21.12 4.52 25.02
C PHE A 110 21.25 5.53 26.14
N GLU A 111 22.10 5.27 27.15
CA GLU A 111 22.31 6.17 28.34
C GLU A 111 23.74 6.70 28.44
N ILE A 112 24.70 6.00 27.87
CA ILE A 112 26.13 6.44 27.92
C ILE A 112 26.51 7.20 26.66
N ILE A 113 26.62 8.52 26.74
CA ILE A 113 26.78 9.42 25.59
C ILE A 113 28.12 9.12 24.85
N CYS A 114 29.22 8.82 25.62
CA CYS A 114 30.61 8.43 25.16
C CYS A 114 30.55 7.16 24.29
N LYS A 115 29.41 6.47 24.14
CA LYS A 115 29.36 5.23 23.32
C LYS A 115 28.51 5.46 22.06
N ARG A 116 27.92 6.64 21.83
CA ARG A 116 27.03 6.85 20.67
C ARG A 116 27.82 7.02 19.38
N LEU A 117 27.26 6.50 18.29
CA LEU A 117 27.67 6.77 16.90
C LEU A 117 27.73 8.29 16.68
N ARG A 118 28.80 8.77 16.04
CA ARG A 118 29.09 10.22 15.89
C ARG A 118 28.81 10.65 14.46
N SER A 119 28.25 11.85 14.28
CA SER A 119 28.09 12.47 12.95
C SER A 119 29.47 13.03 12.52
N GLU A 120 29.54 13.51 11.29
CA GLU A 120 30.77 14.09 10.67
C GLU A 120 31.30 15.23 11.55
N ASP A 121 30.42 16.07 12.09
CA ASP A 121 30.80 17.20 12.98
C ASP A 121 31.46 16.68 14.28
N GLY A 122 31.52 15.36 14.51
CA GLY A 122 32.08 14.76 15.73
C GLY A 122 31.16 14.81 16.94
N GLN A 123 29.89 15.18 16.76
CA GLN A 123 28.90 15.17 17.89
C GLN A 123 28.28 13.78 17.97
N PRO A 124 27.89 13.38 19.19
CA PRO A 124 27.11 12.15 19.33
C PRO A 124 25.71 12.38 18.71
N MET A 125 25.23 11.43 17.91
CA MET A 125 23.91 11.53 17.24
C MET A 125 22.76 11.23 18.20
N VAL A 126 21.62 11.87 17.89
CA VAL A 126 20.30 11.50 18.48
C VAL A 126 19.60 10.53 17.53
N LEU A 127 19.52 9.24 17.91
CA LEU A 127 19.10 8.16 16.98
C LEU A 127 17.75 7.58 17.41
N LYS A 128 17.01 7.10 16.41
CA LYS A 128 15.78 6.31 16.57
C LYS A 128 16.03 4.93 15.95
N LEU A 129 15.68 3.87 16.64
CA LEU A 129 15.75 2.48 16.13
C LEU A 129 14.48 2.21 15.29
N LYS A 130 14.67 1.97 14.00
CA LYS A 130 13.51 1.85 13.05
C LYS A 130 12.98 0.41 13.07
N ASP A 131 11.64 0.23 13.18
CA ASP A 131 10.92 -1.05 12.84
C ASP A 131 11.58 -2.23 13.58
N TRP A 132 11.62 -2.19 14.90
CA TRP A 132 12.26 -3.25 15.75
C TRP A 132 11.48 -3.46 17.04
N PRO A 133 11.08 -4.70 17.37
CA PRO A 133 11.07 -5.84 16.45
C PRO A 133 10.31 -5.57 15.15
N PRO A 134 10.71 -6.21 14.03
CA PRO A 134 10.14 -5.89 12.74
C PRO A 134 8.70 -6.43 12.51
N GLY A 135 7.91 -5.63 11.78
CA GLY A 135 6.52 -5.99 11.38
C GLY A 135 5.73 -6.45 12.58
N GLU A 136 5.17 -7.65 12.52
CA GLU A 136 4.27 -8.23 13.57
C GLU A 136 5.05 -9.21 14.44
N ASP A 137 6.39 -9.15 14.47
CA ASP A 137 7.21 -10.22 15.11
C ASP A 137 7.46 -10.04 16.62
N PHE A 138 6.88 -9.05 17.32
CA PHE A 138 7.15 -8.87 18.77
C PHE A 138 6.85 -10.15 19.56
N ARG A 139 5.67 -10.72 19.39
CA ARG A 139 5.21 -11.88 20.18
C ARG A 139 6.15 -13.08 19.97
N ASP A 140 6.54 -13.38 18.73
CA ASP A 140 7.43 -14.55 18.44
C ASP A 140 8.82 -14.29 19.05
N MET A 141 9.32 -13.07 18.91
CA MET A 141 10.71 -12.72 19.34
C MET A 141 10.81 -12.61 20.85
N MET A 142 9.77 -12.04 21.52
CA MET A 142 9.80 -11.69 22.95
C MET A 142 8.53 -12.18 23.66
N PRO A 143 8.29 -13.50 23.78
CA PRO A 143 7.03 -13.99 24.34
C PRO A 143 6.78 -13.61 25.81
N THR A 144 7.81 -13.53 26.65
CA THR A 144 7.72 -13.14 28.08
C THR A 144 7.35 -11.63 28.17
N ARG A 145 7.98 -10.77 27.36
CA ARG A 145 7.62 -9.31 27.30
C ARG A 145 6.18 -9.15 26.85
N PHE A 146 5.76 -9.88 25.82
CA PHE A 146 4.39 -9.84 25.26
C PHE A 146 3.38 -10.13 26.37
N GLU A 147 3.55 -11.23 27.12
CA GLU A 147 2.64 -11.61 28.24
C GLU A 147 2.63 -10.52 29.30
N ASP A 148 3.80 -9.96 29.68
CA ASP A 148 3.91 -8.98 30.79
C ASP A 148 3.13 -7.70 30.40
N LEU A 149 3.25 -7.31 29.16
CA LEU A 149 2.56 -6.07 28.69
C LEU A 149 1.07 -6.36 28.59
N MET A 150 0.68 -7.39 27.83
CA MET A 150 -0.76 -7.57 27.45
C MET A 150 -1.61 -7.81 28.69
N GLU A 151 -1.09 -8.47 29.73
CA GLU A 151 -1.82 -8.80 30.98
C GLU A 151 -1.95 -7.58 31.89
N ASN A 152 -1.26 -6.48 31.61
CA ASN A 152 -1.22 -5.29 32.49
C ASN A 152 -1.72 -4.02 31.76
N LEU A 153 -2.21 -4.13 30.54
CA LEU A 153 -2.76 -2.94 29.82
C LEU A 153 -4.00 -2.42 30.58
N PRO A 154 -4.13 -1.10 30.76
CA PRO A 154 -5.38 -0.53 31.33
C PRO A 154 -6.55 -0.61 30.34
N LEU A 155 -7.77 -0.47 30.86
CA LEU A 155 -9.04 -0.49 30.08
C LEU A 155 -9.08 -1.77 29.22
N PRO A 156 -8.89 -2.97 29.85
CA PRO A 156 -8.67 -4.20 29.08
C PRO A 156 -9.85 -4.62 28.19
N GLU A 157 -11.09 -4.20 28.44
CA GLU A 157 -12.22 -4.54 27.53
C GLU A 157 -12.02 -3.82 26.17
N TYR A 158 -11.38 -2.65 26.14
CA TYR A 158 -10.99 -1.91 24.92
C TYR A 158 -9.68 -2.45 24.33
N THR A 159 -8.67 -2.71 25.15
CA THR A 159 -7.26 -2.80 24.68
C THR A 159 -6.76 -4.25 24.42
N LYS A 160 -7.31 -5.28 25.06
CA LYS A 160 -6.89 -6.70 24.79
C LYS A 160 -7.39 -7.14 23.41
N ARG A 161 -6.63 -8.07 22.76
CA ARG A 161 -6.92 -8.51 21.37
C ARG A 161 -8.37 -9.01 21.26
N ASP A 162 -8.86 -9.66 22.30
CA ASP A 162 -10.18 -10.32 22.41
C ASP A 162 -11.10 -9.54 23.37
N GLY A 163 -10.77 -8.31 23.76
CA GLY A 163 -11.70 -7.56 24.61
C GLY A 163 -13.06 -7.40 23.96
N ARG A 164 -14.11 -7.36 24.80
CA ARG A 164 -15.51 -7.19 24.35
C ARG A 164 -15.73 -5.87 23.62
N LEU A 165 -15.01 -4.79 23.94
CA LEU A 165 -15.18 -3.51 23.26
C LEU A 165 -14.06 -3.22 22.26
N ASN A 166 -13.32 -4.25 21.83
CA ASN A 166 -12.35 -4.11 20.73
C ASN A 166 -12.93 -4.83 19.50
N LEU A 167 -13.32 -4.07 18.48
CA LEU A 167 -13.98 -4.66 17.29
C LEU A 167 -12.91 -5.16 16.29
N ALA A 168 -11.62 -5.08 16.61
CA ALA A 168 -10.56 -5.40 15.60
C ALA A 168 -10.79 -6.79 14.97
N SER A 169 -11.11 -7.81 15.77
CA SER A 169 -11.22 -9.22 15.29
C SER A 169 -12.60 -9.49 14.69
N ARG A 170 -13.50 -8.52 14.68
CA ARG A 170 -14.95 -8.72 14.44
C ARG A 170 -15.43 -7.98 13.20
N LEU A 171 -14.56 -7.32 12.44
CA LEU A 171 -15.05 -6.44 11.36
C LEU A 171 -14.76 -7.06 9.98
N PRO A 172 -15.67 -6.87 9.02
CA PRO A 172 -15.39 -7.36 7.67
C PRO A 172 -14.44 -6.40 6.95
N SER A 173 -14.16 -6.71 5.68
CA SER A 173 -13.08 -6.07 4.89
C SER A 173 -13.44 -4.66 4.46
N TYR A 174 -14.68 -4.22 4.68
CA TYR A 174 -15.14 -2.83 4.50
C TYR A 174 -14.45 -1.88 5.52
N PHE A 175 -13.71 -2.43 6.49
CA PHE A 175 -12.96 -1.67 7.53
C PHE A 175 -11.47 -1.99 7.44
N VAL A 176 -10.63 -0.96 7.56
CA VAL A 176 -9.15 -1.16 7.70
C VAL A 176 -8.90 -1.69 9.10
N ARG A 177 -8.31 -2.87 9.19
CA ARG A 177 -8.02 -3.57 10.43
C ARG A 177 -6.57 -3.32 10.83
N PRO A 178 -6.24 -3.14 12.13
CA PRO A 178 -4.85 -2.93 12.53
C PRO A 178 -4.01 -4.20 12.40
N ASP A 179 -2.69 -4.03 12.28
CA ASP A 179 -1.72 -5.15 12.28
C ASP A 179 -1.79 -5.78 13.66
N LEU A 180 -1.30 -7.02 13.78
CA LEU A 180 -1.07 -7.66 15.10
C LEU A 180 0.10 -6.96 15.80
N GLY A 181 -0.10 -6.63 17.06
CA GLY A 181 0.83 -5.77 17.84
C GLY A 181 1.41 -6.63 18.95
N PRO A 182 2.03 -6.06 19.97
CA PRO A 182 2.31 -4.63 19.99
C PRO A 182 3.53 -4.23 19.14
N LYS A 183 3.81 -2.93 19.09
CA LYS A 183 4.97 -2.32 18.37
C LYS A 183 5.82 -1.57 19.40
N MET A 184 7.14 -1.72 19.31
CA MET A 184 8.07 -1.06 20.22
C MET A 184 8.68 0.17 19.54
N TYR A 185 8.82 1.28 20.30
CA TYR A 185 9.32 2.58 19.82
C TYR A 185 10.48 3.04 20.72
N ASN A 186 11.70 2.97 20.18
CA ASN A 186 12.96 3.14 20.94
C ASN A 186 13.74 4.28 20.32
N ALA A 187 14.09 5.29 21.08
CA ALA A 187 14.84 6.48 20.59
C ALA A 187 15.53 7.22 21.72
N TYR A 188 16.65 7.86 21.38
CA TYR A 188 17.40 8.73 22.31
C TYR A 188 16.60 10.02 22.58
N GLY A 189 16.94 10.74 23.65
CA GLY A 189 16.39 12.07 23.94
C GLY A 189 16.99 13.15 23.07
N LEU A 190 16.21 14.15 22.71
CA LEU A 190 16.71 15.37 22.02
C LEU A 190 17.36 16.26 23.10
N ILE A 191 18.40 17.00 22.71
CA ILE A 191 19.41 17.53 23.68
C ILE A 191 19.48 19.06 23.63
N THR A 192 19.69 19.66 22.48
CA THR A 192 20.13 21.08 22.35
C THR A 192 18.94 22.02 22.15
N ALA A 193 19.23 23.34 22.20
CA ALA A 193 18.23 24.39 21.86
C ALA A 193 17.73 24.22 20.42
N GLU A 194 18.61 23.97 19.45
CA GLU A 194 18.21 23.68 18.05
C GLU A 194 17.30 22.43 18.00
N ASP A 195 17.60 21.40 18.79
CA ASP A 195 16.79 20.15 18.82
C ASP A 195 15.32 20.43 19.23
N ARG A 196 15.01 21.56 19.86
CA ARG A 196 13.64 21.84 20.38
C ARG A 196 12.63 21.84 19.21
N ARG A 197 13.04 22.17 18.00
CA ARG A 197 12.16 22.26 16.80
C ARG A 197 12.06 20.92 16.03
N VAL A 198 12.67 19.82 16.51
CA VAL A 198 12.76 18.50 15.80
C VAL A 198 11.79 17.53 16.47
N GLY A 199 11.15 16.60 15.73
CA GLY A 199 10.34 15.55 16.34
C GLY A 199 11.13 14.25 16.48
N THR A 200 10.78 13.43 17.44
CA THR A 200 11.15 12.00 17.48
C THR A 200 10.26 11.26 16.46
N THR A 201 8.94 11.51 16.53
CA THR A 201 7.95 11.04 15.55
C THR A 201 7.17 12.25 15.04
N ASN A 202 7.22 12.53 13.75
CA ASN A 202 6.57 13.72 13.15
C ASN A 202 5.04 13.56 13.18
N LEU A 203 4.38 14.70 12.96
CA LEU A 203 2.90 14.78 12.95
C LEU A 203 2.31 13.77 11.95
N HIS A 204 1.38 12.93 12.41
CA HIS A 204 0.68 11.92 11.59
C HIS A 204 -0.64 11.55 12.25
N LEU A 205 -1.44 10.70 11.59
CA LEU A 205 -2.64 10.13 12.26
C LEU A 205 -2.74 8.66 11.91
N ASP A 206 -3.49 7.93 12.72
CA ASP A 206 -3.75 6.47 12.57
C ASP A 206 -5.26 6.27 12.47
N VAL A 207 -5.73 5.32 11.67
CA VAL A 207 -7.20 5.12 11.51
C VAL A 207 -7.77 4.18 12.59
N SER A 208 -6.90 3.59 13.42
N SER A 208 -6.90 3.57 13.39
CA SER A 208 -7.27 2.79 14.62
CA SER A 208 -7.24 2.78 14.61
C SER A 208 -6.90 3.56 15.90
C SER A 208 -7.01 3.65 15.86
N ASP A 209 -7.61 3.24 16.99
CA ASP A 209 -7.24 3.78 18.30
C ASP A 209 -5.89 3.18 18.74
N ALA A 210 -5.17 3.79 19.66
CA ALA A 210 -3.93 3.20 20.23
C ALA A 210 -3.75 3.51 21.69
N VAL A 211 -3.09 2.61 22.42
CA VAL A 211 -2.58 2.85 23.80
C VAL A 211 -1.06 2.74 23.78
N ASN A 212 -0.35 3.75 24.25
CA ASN A 212 1.13 3.85 24.17
C ASN A 212 1.64 3.91 25.59
N VAL A 213 2.43 2.90 26.01
CA VAL A 213 2.92 2.80 27.41
C VAL A 213 4.44 3.13 27.51
N MET A 214 4.83 4.01 28.40
CA MET A 214 6.28 4.34 28.64
C MET A 214 6.82 3.31 29.67
N VAL A 215 7.65 2.35 29.23
CA VAL A 215 8.08 1.19 30.08
C VAL A 215 9.49 1.49 30.63
N TYR A 216 10.22 2.45 30.07
CA TYR A 216 11.59 2.77 30.59
C TYR A 216 12.00 4.16 30.13
N VAL A 217 12.60 4.95 31.01
CA VAL A 217 13.20 6.26 30.71
C VAL A 217 14.67 6.23 31.20
N GLY A 218 15.58 6.50 30.27
CA GLY A 218 17.03 6.53 30.52
C GLY A 218 17.51 7.96 30.58
N ILE A 219 18.00 8.37 31.75
CA ILE A 219 18.57 9.74 31.93
C ILE A 219 20.07 9.64 31.95
N PRO A 220 20.79 10.12 30.90
CA PRO A 220 22.24 9.91 30.81
C PRO A 220 23.08 10.57 31.89
N ILE A 221 24.38 10.33 31.67
CA ILE A 221 25.64 10.60 32.44
C ILE A 221 26.74 10.75 31.38
N GLY A 222 27.69 11.69 31.56
CA GLY A 222 28.74 12.03 30.57
C GLY A 222 28.56 13.44 30.05
N GLU A 223 27.45 13.68 29.32
CA GLU A 223 26.77 15.01 29.27
C GLU A 223 25.56 14.92 30.21
N GLY A 224 25.79 14.43 31.43
CA GLY A 224 24.88 14.47 32.59
C GLY A 224 25.00 15.80 33.31
N ALA A 225 23.86 16.47 33.52
CA ALA A 225 23.69 17.88 33.97
C ALA A 225 22.90 18.69 32.92
N HIS A 226 22.14 18.00 32.06
CA HIS A 226 21.49 18.55 30.84
C HIS A 226 19.99 18.83 31.11
N ASP A 227 19.53 18.61 32.34
CA ASP A 227 18.11 18.78 32.76
C ASP A 227 17.66 20.24 32.56
N GLU A 228 18.59 21.18 32.35
CA GLU A 228 18.32 22.64 32.27
C GLU A 228 17.50 22.95 31.00
N GLU A 229 17.88 22.41 29.85
CA GLU A 229 17.20 22.66 28.54
C GLU A 229 15.89 21.85 28.45
N VAL A 230 15.73 20.78 29.25
CA VAL A 230 14.47 19.99 29.35
C VAL A 230 13.35 20.88 29.94
N LEU A 231 13.63 21.66 30.98
CA LEU A 231 12.62 22.58 31.62
C LEU A 231 12.06 23.62 30.62
N LYS A 232 12.94 24.24 29.83
N LYS A 232 12.93 24.24 29.84
CA LYS A 232 12.57 25.24 28.80
CA LYS A 232 12.57 25.24 28.80
C LYS A 232 11.72 24.59 27.69
C LYS A 232 11.67 24.58 27.74
N THR A 233 11.92 23.30 27.40
CA THR A 233 11.17 22.58 26.33
C THR A 233 9.73 22.33 26.77
N ILE A 234 9.53 21.91 28.03
CA ILE A 234 8.18 21.67 28.63
C ILE A 234 7.42 23.00 28.70
N ASP A 235 8.10 24.06 29.18
CA ASP A 235 7.49 25.40 29.30
C ASP A 235 7.02 25.95 27.92
N GLU A 236 7.93 26.01 26.96
CA GLU A 236 7.69 26.48 25.57
C GLU A 236 6.74 25.50 24.84
N GLY A 237 6.75 24.23 25.24
CA GLY A 237 5.81 23.20 24.74
C GLY A 237 4.37 23.44 25.12
N ASP A 238 4.09 24.42 26.04
CA ASP A 238 2.71 24.85 26.47
C ASP A 238 2.13 23.94 27.56
N ALA A 239 2.97 23.20 28.30
CA ALA A 239 2.52 22.29 29.38
C ALA A 239 1.77 23.11 30.44
N ASP A 240 0.66 22.61 30.95
CA ASP A 240 -0.19 23.30 31.97
C ASP A 240 0.55 23.35 33.30
N GLU A 241 0.01 24.14 34.26
CA GLU A 241 0.72 24.40 35.54
C GLU A 241 0.78 23.13 36.39
N VAL A 242 -0.25 22.29 36.39
CA VAL A 242 -0.22 21.03 37.19
C VAL A 242 0.85 20.04 36.65
N THR A 243 0.98 19.88 35.32
CA THR A 243 2.08 19.09 34.71
C THR A 243 3.42 19.69 35.16
N LYS A 244 3.53 21.02 35.21
CA LYS A 244 4.80 21.67 35.65
C LYS A 244 5.08 21.33 37.13
N GLU A 245 4.06 21.16 37.97
CA GLU A 245 4.23 20.67 39.37
C GLU A 245 4.79 19.24 39.43
N ARG A 246 4.34 18.38 38.50
CA ARG A 246 4.82 16.98 38.35
C ARG A 246 6.29 17.03 37.94
N ILE A 247 6.66 17.92 37.00
CA ILE A 247 8.07 18.14 36.57
C ILE A 247 8.90 18.66 37.75
N HIS A 248 8.47 19.79 38.33
CA HIS A 248 9.28 20.59 39.28
C HIS A 248 9.33 19.90 40.66
N ASP A 249 8.36 19.02 40.98
CA ASP A 249 8.36 18.22 42.23
C ASP A 249 9.49 17.16 42.21
N HIS A 250 10.02 16.84 41.04
CA HIS A 250 10.87 15.63 40.81
C HIS A 250 9.97 14.41 41.09
N LYS A 251 10.48 13.37 41.75
CA LYS A 251 9.73 12.14 42.15
C LYS A 251 9.48 11.22 40.93
N GLU A 252 9.10 11.77 39.77
CA GLU A 252 8.80 10.94 38.55
C GLU A 252 9.65 11.40 37.36
N LYS A 253 10.11 10.44 36.53
CA LYS A 253 11.01 10.67 35.36
C LYS A 253 10.19 11.04 34.13
N PRO A 254 10.36 12.23 33.51
CA PRO A 254 9.62 12.60 32.28
C PRO A 254 10.28 11.97 31.06
N GLY A 255 9.50 11.31 30.22
CA GLY A 255 10.02 10.68 29.00
C GLY A 255 9.91 11.54 27.75
N ALA A 256 8.66 11.92 27.36
CA ALA A 256 8.38 12.51 26.04
C ALA A 256 7.25 13.57 26.14
N LEU A 257 7.40 14.59 25.31
CA LEU A 257 6.36 15.66 25.14
C LEU A 257 5.56 15.31 23.88
N TRP A 258 4.23 15.18 24.03
CA TRP A 258 3.27 14.90 22.94
C TRP A 258 2.47 16.20 22.63
N HIS A 259 2.07 16.39 21.38
CA HIS A 259 0.95 17.31 21.04
C HIS A 259 -0.05 16.46 20.29
N ILE A 260 -1.30 16.47 20.75
CA ILE A 260 -2.40 15.71 20.13
C ILE A 260 -3.48 16.75 19.73
N TYR A 261 -4.11 16.52 18.61
CA TYR A 261 -5.19 17.42 18.08
C TYR A 261 -6.43 16.55 17.83
N ALA A 262 -7.65 17.14 18.00
CA ALA A 262 -8.90 16.42 17.73
C ALA A 262 -9.00 16.00 16.28
N ALA A 263 -9.57 14.83 16.00
CA ALA A 263 -9.78 14.32 14.63
C ALA A 263 -10.55 15.36 13.81
N LYS A 264 -11.48 16.08 14.43
CA LYS A 264 -12.33 17.08 13.71
C LYS A 264 -11.49 18.23 13.17
N ASP A 265 -10.26 18.47 13.69
CA ASP A 265 -9.40 19.60 13.28
C ASP A 265 -8.34 19.20 12.25
N ALA A 266 -8.35 17.95 11.78
CA ALA A 266 -7.28 17.45 10.87
C ALA A 266 -7.22 18.27 9.57
N GLU A 267 -8.37 18.60 8.95
CA GLU A 267 -8.32 19.38 7.65
C GLU A 267 -7.79 20.81 7.90
N LYS A 268 -8.16 21.49 8.97
CA LYS A 268 -7.60 22.83 9.26
C LYS A 268 -6.07 22.76 9.41
N ILE A 269 -5.55 21.69 10.02
CA ILE A 269 -4.09 21.50 10.12
C ILE A 269 -3.55 21.30 8.69
N ARG A 270 -4.19 20.48 7.84
CA ARG A 270 -3.69 20.34 6.44
C ARG A 270 -3.64 21.71 5.74
N GLU A 271 -4.63 22.57 5.94
CA GLU A 271 -4.63 23.92 5.30
C GLU A 271 -3.42 24.73 5.78
N LEU A 272 -3.11 24.77 7.07
CA LEU A 272 -1.94 25.50 7.59
C LEU A 272 -0.67 24.95 6.93
N LEU A 273 -0.51 23.63 6.88
CA LEU A 273 0.77 23.04 6.39
C LEU A 273 0.91 23.25 4.87
N ARG A 274 -0.18 23.34 4.13
CA ARG A 274 -0.07 23.69 2.68
C ARG A 274 0.40 25.14 2.51
N LYS A 275 -0.11 26.06 3.31
CA LYS A 275 0.28 27.50 3.29
C LYS A 275 1.77 27.58 3.63
N VAL A 276 2.19 26.91 4.70
CA VAL A 276 3.62 26.96 5.10
C VAL A 276 4.51 26.29 4.05
N GLY A 277 4.14 25.14 3.47
CA GLY A 277 4.94 24.48 2.43
C GLY A 277 5.15 25.42 1.25
N GLU A 278 4.11 26.18 0.89
CA GLU A 278 4.17 27.17 -0.22
C GLU A 278 5.10 28.31 0.19
N GLU A 279 4.93 28.91 1.37
CA GLU A 279 5.81 30.00 1.88
C GLU A 279 7.28 29.55 1.82
N GLN A 280 7.59 28.29 2.13
CA GLN A 280 8.98 27.75 2.16
C GLN A 280 9.41 27.26 0.79
N GLY A 281 8.64 27.55 -0.26
CA GLY A 281 9.03 27.26 -1.64
C GLY A 281 8.90 25.80 -2.02
N GLN A 282 8.28 24.94 -1.21
CA GLN A 282 7.87 23.58 -1.68
C GLN A 282 6.89 23.77 -2.86
N GLU A 283 6.85 22.83 -3.80
CA GLU A 283 5.95 22.97 -4.97
C GLU A 283 5.04 21.74 -4.95
N ASN A 284 3.85 21.91 -4.37
CA ASN A 284 2.93 20.80 -4.01
C ASN A 284 1.58 21.03 -4.69
N PRO A 285 0.92 19.96 -5.21
CA PRO A 285 -0.45 20.08 -5.75
C PRO A 285 -1.41 20.52 -4.64
N PRO A 286 -2.47 21.30 -4.96
CA PRO A 286 -3.34 21.92 -3.94
C PRO A 286 -4.05 20.93 -2.98
N ASP A 287 -4.02 19.64 -3.34
CA ASP A 287 -4.76 18.54 -2.67
C ASP A 287 -3.81 17.65 -1.85
N HIS A 288 -2.49 17.77 -1.96
CA HIS A 288 -1.58 16.76 -1.34
C HIS A 288 -1.83 16.78 0.18
N ASP A 289 -1.45 15.69 0.86
CA ASP A 289 -1.80 15.50 2.30
C ASP A 289 -0.53 15.62 3.16
N PRO A 290 -0.26 16.80 3.77
CA PRO A 290 0.93 16.98 4.62
C PRO A 290 0.92 16.18 5.92
N ILE A 291 -0.26 15.75 6.38
CA ILE A 291 -0.29 14.87 7.58
C ILE A 291 0.11 13.44 7.15
N HIS A 292 -0.44 12.89 6.05
CA HIS A 292 -0.07 11.52 5.59
C HIS A 292 1.43 11.42 5.25
N ASP A 293 2.01 12.50 4.76
CA ASP A 293 3.45 12.57 4.40
C ASP A 293 4.40 12.39 5.60
N GLN A 294 3.97 12.74 6.83
CA GLN A 294 4.72 12.50 8.10
C GLN A 294 6.06 13.26 8.02
N SER A 295 6.03 14.43 7.40
CA SER A 295 7.23 15.26 7.14
C SER A 295 7.31 16.48 8.06
N TRP A 296 6.25 16.85 8.81
CA TRP A 296 6.24 18.09 9.62
C TRP A 296 6.31 17.83 11.15
N TYR A 297 7.01 18.70 11.87
CA TYR A 297 6.93 18.82 13.36
C TYR A 297 6.47 20.25 13.68
N LEU A 298 5.35 20.37 14.39
CA LEU A 298 4.80 21.70 14.76
C LEU A 298 5.61 22.25 15.93
N ASP A 299 6.54 23.18 15.66
CA ASP A 299 7.34 23.87 16.70
C ASP A 299 6.50 24.99 17.34
N GLN A 300 7.05 25.71 18.31
CA GLN A 300 6.31 26.76 19.05
C GLN A 300 5.69 27.78 18.07
N THR A 301 6.42 28.20 17.04
CA THR A 301 5.94 29.17 16.01
C THR A 301 4.71 28.62 15.30
N LEU A 302 4.80 27.36 14.85
CA LEU A 302 3.69 26.74 14.07
C LEU A 302 2.48 26.49 14.99
N ARG A 303 2.69 26.08 16.26
CA ARG A 303 1.56 25.78 17.17
C ARG A 303 0.82 27.10 17.41
N LYS A 304 1.55 28.19 17.59
CA LYS A 304 0.89 29.50 17.84
C LYS A 304 0.08 29.93 16.59
N ARG A 305 0.65 29.78 15.41
CA ARG A 305 -0.01 30.11 14.12
C ARG A 305 -1.29 29.27 13.95
N LEU A 306 -1.26 28.00 14.37
CA LEU A 306 -2.45 27.11 14.27
C LEU A 306 -3.56 27.70 15.14
N TYR A 307 -3.25 28.10 16.36
CA TYR A 307 -4.22 28.66 17.33
C TYR A 307 -4.74 30.00 16.75
N GLU A 308 -3.84 30.92 16.42
CA GLU A 308 -4.23 32.34 16.11
C GLU A 308 -4.95 32.40 14.76
N GLU A 309 -4.44 31.76 13.72
CA GLU A 309 -4.88 31.91 12.29
C GLU A 309 -6.05 30.94 11.97
N TYR A 310 -6.16 29.81 12.68
CA TYR A 310 -7.13 28.73 12.32
C TYR A 310 -8.04 28.42 13.50
N GLY A 311 -7.81 28.93 14.69
CA GLY A 311 -8.72 28.66 15.82
C GLY A 311 -8.62 27.26 16.43
N VAL A 312 -7.46 26.59 16.24
CA VAL A 312 -7.29 25.18 16.69
C VAL A 312 -6.41 25.10 17.96
N GLN A 313 -6.96 24.47 18.99
CA GLN A 313 -6.21 24.20 20.25
C GLN A 313 -5.95 22.70 20.31
N GLY A 314 -4.80 22.32 20.82
CA GLY A 314 -4.51 20.90 21.07
C GLY A 314 -4.28 20.60 22.55
N TRP A 315 -3.77 19.42 22.81
CA TRP A 315 -3.40 18.92 24.14
C TRP A 315 -1.88 18.71 24.16
N ALA A 316 -1.20 19.39 25.05
CA ALA A 316 0.25 19.21 25.31
C ALA A 316 0.41 18.28 26.49
N ILE A 317 0.98 17.09 26.27
CA ILE A 317 1.00 15.99 27.28
C ILE A 317 2.47 15.61 27.55
N VAL A 318 2.87 15.61 28.81
CA VAL A 318 4.16 14.98 29.18
C VAL A 318 3.92 13.58 29.70
N GLN A 319 4.49 12.60 28.99
CA GLN A 319 4.37 11.16 29.29
C GLN A 319 5.57 10.77 30.18
N PHE A 320 5.30 10.53 31.47
CA PHE A 320 6.31 10.08 32.46
C PHE A 320 6.43 8.55 32.41
N LEU A 321 7.49 8.02 33.04
CA LEU A 321 7.62 6.55 33.22
C LEU A 321 6.32 5.97 33.77
N GLY A 322 5.80 4.94 33.12
CA GLY A 322 4.59 4.21 33.51
C GLY A 322 3.28 4.88 33.07
N ASP A 323 3.35 5.96 32.36
CA ASP A 323 2.12 6.61 31.81
C ASP A 323 1.68 5.91 30.53
N ALA A 324 0.37 5.60 30.40
CA ALA A 324 -0.28 5.09 29.18
C ALA A 324 -1.06 6.23 28.53
N VAL A 325 -0.69 6.62 27.33
CA VAL A 325 -1.43 7.65 26.52
C VAL A 325 -2.40 6.89 25.61
N PHE A 326 -3.70 7.24 25.65
CA PHE A 326 -4.76 6.76 24.76
C PHE A 326 -4.95 7.81 23.65
N ILE A 327 -4.72 7.40 22.40
CA ILE A 327 -4.76 8.30 21.22
C ILE A 327 -6.00 7.93 20.37
N PRO A 328 -7.01 8.81 20.24
CA PRO A 328 -8.21 8.49 19.47
C PRO A 328 -7.91 8.33 17.97
N ALA A 329 -8.57 7.36 17.33
CA ALA A 329 -8.52 7.19 15.85
C ALA A 329 -8.79 8.54 15.16
N GLY A 330 -7.97 8.84 14.14
CA GLY A 330 -8.13 10.06 13.35
C GLY A 330 -7.45 11.30 13.95
N ALA A 331 -6.95 11.26 15.21
CA ALA A 331 -6.38 12.42 15.89
C ALA A 331 -4.94 12.67 15.45
N PRO A 332 -4.60 13.77 14.78
CA PRO A 332 -3.20 14.06 14.43
C PRO A 332 -2.34 14.21 15.70
N HIS A 333 -1.10 13.66 15.71
CA HIS A 333 -0.25 13.69 16.94
C HIS A 333 1.24 13.56 16.56
N GLN A 334 2.07 14.17 17.40
CA GLN A 334 3.55 14.22 17.25
C GLN A 334 4.18 13.94 18.62
N VAL A 335 5.44 13.47 18.64
CA VAL A 335 6.16 13.03 19.84
C VAL A 335 7.60 13.57 19.80
N HIS A 336 8.05 14.15 20.91
CA HIS A 336 9.40 14.75 21.08
C HIS A 336 10.04 14.16 22.37
N ASN A 337 11.00 13.26 22.24
CA ASN A 337 11.62 12.65 23.44
C ASN A 337 12.52 13.64 24.20
N LEU A 338 12.27 13.75 25.49
CA LEU A 338 13.01 14.63 26.43
C LEU A 338 14.27 13.90 26.88
N TYR A 339 14.12 12.64 27.22
CA TYR A 339 15.21 11.69 27.55
C TYR A 339 15.08 10.42 26.67
N SER A 340 16.03 9.46 26.81
CA SER A 340 15.94 8.19 26.04
C SER A 340 14.73 7.36 26.49
N CYS A 341 13.91 6.90 25.54
CA CYS A 341 12.61 6.27 25.84
C CYS A 341 12.49 4.89 25.22
N ILE A 342 11.87 3.95 25.94
CA ILE A 342 11.30 2.69 25.42
C ILE A 342 9.78 2.77 25.61
N LYS A 343 9.04 2.85 24.52
CA LYS A 343 7.56 2.85 24.50
C LYS A 343 7.07 1.56 23.88
N VAL A 344 5.93 1.04 24.32
CA VAL A 344 5.27 -0.10 23.68
C VAL A 344 3.80 0.26 23.46
N ALA A 345 3.34 0.09 22.24
CA ALA A 345 1.95 0.50 21.86
C ALA A 345 1.16 -0.68 21.31
N GLU A 346 -0.16 -0.66 21.57
CA GLU A 346 -1.10 -1.67 21.01
C GLU A 346 -2.24 -0.90 20.31
N ASP A 347 -2.58 -1.26 19.10
CA ASP A 347 -3.75 -0.69 18.37
C ASP A 347 -5.04 -1.44 18.76
N PHE A 348 -6.19 -0.79 18.66
CA PHE A 348 -7.51 -1.43 18.96
C PHE A 348 -8.55 -0.63 18.16
N VAL A 349 -9.79 -1.15 18.11
CA VAL A 349 -10.91 -0.50 17.37
C VAL A 349 -12.11 -0.38 18.32
N SER A 350 -12.22 0.73 19.02
CA SER A 350 -13.39 1.00 19.89
C SER A 350 -14.64 1.27 19.06
N PRO A 351 -15.83 0.93 19.59
CA PRO A 351 -17.06 1.24 18.89
C PRO A 351 -17.27 2.75 18.72
N GLU A 352 -16.79 3.54 19.69
CA GLU A 352 -16.93 5.02 19.67
C GLU A 352 -16.28 5.61 18.40
N HIS A 353 -15.22 5.00 17.85
CA HIS A 353 -14.42 5.63 16.75
C HIS A 353 -14.31 4.76 15.51
N VAL A 354 -15.12 3.72 15.39
CA VAL A 354 -15.07 2.79 14.23
C VAL A 354 -15.29 3.55 12.93
N LYS A 355 -16.05 4.66 12.85
CA LYS A 355 -16.22 5.44 11.60
C LYS A 355 -14.90 5.80 10.94
N HIS A 356 -13.81 5.99 11.69
CA HIS A 356 -12.52 6.46 11.13
C HIS A 356 -11.85 5.40 10.25
N CYS A 357 -12.18 4.10 10.36
CA CYS A 357 -11.52 3.04 9.53
C CYS A 357 -12.49 2.49 8.47
N PHE A 358 -13.67 3.06 8.28
CA PHE A 358 -14.61 2.56 7.25
C PHE A 358 -14.12 3.03 5.85
N ARG A 359 -14.15 2.12 4.88
CA ARG A 359 -13.61 2.36 3.51
C ARG A 359 -14.62 3.04 2.58
N LEU A 360 -15.87 3.35 2.98
CA LEU A 360 -16.76 4.12 2.06
C LEU A 360 -17.17 5.50 2.62
N THR A 361 -17.77 6.32 1.77
CA THR A 361 -18.35 7.68 2.01
C THR A 361 -17.33 8.56 2.73
N MET B 23 -6.51 -8.01 -51.02
CA MET B 23 -7.42 -6.84 -50.88
C MET B 23 -8.04 -6.86 -49.46
N THR B 24 -7.64 -7.81 -48.63
CA THR B 24 -8.01 -7.83 -47.19
C THR B 24 -7.64 -6.47 -46.58
N SER B 25 -8.61 -5.78 -45.95
CA SER B 25 -8.37 -4.50 -45.23
C SER B 25 -7.40 -4.72 -44.08
N HIS B 26 -6.26 -4.02 -44.12
CA HIS B 26 -5.23 -4.06 -43.09
C HIS B 26 -4.36 -2.81 -43.11
N SER B 27 -3.59 -2.64 -42.04
CA SER B 27 -2.53 -1.62 -41.91
C SER B 27 -1.44 -2.13 -40.98
N TRP B 28 -0.34 -1.40 -40.86
CA TRP B 28 0.84 -1.79 -40.07
C TRP B 28 1.10 -0.69 -39.04
N LEU B 29 1.06 -1.02 -37.75
CA LEU B 29 1.39 -0.08 -36.65
C LEU B 29 2.73 -0.44 -36.02
N CYS B 30 3.12 0.23 -34.92
CA CYS B 30 4.43 0.00 -34.26
C CYS B 30 5.52 0.15 -35.34
N ASP B 31 5.46 1.25 -36.11
CA ASP B 31 6.47 1.60 -37.15
C ASP B 31 6.66 0.41 -38.10
N GLY B 32 5.56 -0.15 -38.64
CA GLY B 32 5.59 -1.26 -39.63
C GLY B 32 5.64 -2.69 -39.06
N ARG B 33 5.76 -2.91 -37.73
CA ARG B 33 6.09 -4.24 -37.13
C ARG B 33 4.84 -4.96 -36.57
N LEU B 34 3.66 -4.30 -36.58
CA LEU B 34 2.40 -4.95 -36.06
C LEU B 34 1.31 -4.99 -37.13
N LEU B 35 0.88 -6.20 -37.55
CA LEU B 35 -0.30 -6.34 -38.43
C LEU B 35 -1.55 -5.91 -37.69
N CYS B 36 -2.38 -5.06 -38.32
CA CYS B 36 -3.73 -4.71 -37.82
C CYS B 36 -4.74 -5.07 -38.91
N LEU B 37 -5.60 -6.04 -38.68
CA LEU B 37 -6.67 -6.49 -39.62
C LEU B 37 -7.96 -5.76 -39.24
N HIS B 38 -8.68 -5.15 -40.18
CA HIS B 38 -9.79 -4.19 -39.85
C HIS B 38 -11.19 -4.78 -40.05
N ASP B 39 -11.35 -5.91 -40.74
CA ASP B 39 -12.67 -6.57 -40.86
C ASP B 39 -12.63 -7.89 -40.11
N PRO B 40 -13.24 -7.98 -38.91
CA PRO B 40 -13.13 -9.20 -38.09
C PRO B 40 -13.73 -10.47 -38.69
N SER B 41 -14.71 -10.34 -39.60
CA SER B 41 -15.39 -11.48 -40.26
C SER B 41 -14.87 -11.74 -41.68
N ASN B 42 -13.77 -11.14 -42.14
CA ASN B 42 -13.26 -11.50 -43.52
C ASN B 42 -12.63 -12.91 -43.49
N LYS B 43 -13.13 -13.85 -44.31
CA LYS B 43 -12.68 -15.26 -44.34
C LYS B 43 -11.24 -15.39 -44.88
N ASN B 44 -10.67 -14.33 -45.46
CA ASN B 44 -9.27 -14.31 -45.97
C ASN B 44 -8.27 -13.73 -44.94
N ASN B 45 -8.69 -13.43 -43.69
CA ASN B 45 -7.77 -12.83 -42.67
C ASN B 45 -6.54 -13.70 -42.45
N TRP B 46 -6.68 -15.03 -42.51
CA TRP B 46 -5.59 -16.00 -42.29
C TRP B 46 -4.38 -15.73 -43.21
N LYS B 47 -4.61 -15.17 -44.39
CA LYS B 47 -3.53 -15.13 -45.43
C LYS B 47 -2.31 -14.32 -44.98
N ILE B 48 -2.51 -13.08 -44.49
CA ILE B 48 -1.40 -12.19 -44.05
C ILE B 48 -1.01 -12.53 -42.58
N PHE B 49 -2.00 -12.96 -41.79
CA PHE B 49 -1.78 -13.40 -40.39
C PHE B 49 -0.70 -14.50 -40.29
N ARG B 50 -0.71 -15.49 -41.20
CA ARG B 50 0.14 -16.72 -41.14
C ARG B 50 1.62 -16.37 -40.90
N GLU B 51 2.23 -15.54 -41.78
CA GLU B 51 3.69 -15.29 -41.68
C GLU B 51 4.00 -14.48 -40.41
N CYS B 52 3.16 -13.51 -40.01
CA CYS B 52 3.41 -12.72 -38.78
C CYS B 52 3.41 -13.70 -37.58
N TRP B 53 2.44 -14.61 -37.56
CA TRP B 53 2.28 -15.61 -36.45
C TRP B 53 3.44 -16.59 -36.45
N LYS B 54 3.91 -17.05 -37.64
CA LYS B 54 5.10 -17.96 -37.70
C LYS B 54 6.36 -17.28 -37.16
N GLN B 55 6.55 -16.00 -37.38
CA GLN B 55 7.70 -15.20 -36.92
C GLN B 55 7.55 -14.87 -35.42
N GLY B 56 6.46 -15.30 -34.76
CA GLY B 56 6.26 -15.09 -33.31
C GLY B 56 5.79 -13.68 -32.93
N GLN B 57 5.16 -12.96 -33.84
CA GLN B 57 4.63 -11.59 -33.61
C GLN B 57 3.20 -11.65 -33.05
N PRO B 58 2.83 -10.73 -32.14
CA PRO B 58 1.42 -10.47 -31.91
C PRO B 58 0.74 -9.85 -33.14
N VAL B 59 -0.55 -9.98 -33.21
CA VAL B 59 -1.44 -9.42 -34.26
C VAL B 59 -2.64 -8.77 -33.59
N LEU B 60 -3.15 -7.69 -34.19
CA LEU B 60 -4.38 -7.01 -33.72
C LEU B 60 -5.50 -7.12 -34.75
N VAL B 61 -6.73 -7.39 -34.32
CA VAL B 61 -7.93 -7.36 -35.19
C VAL B 61 -8.91 -6.38 -34.57
N SER B 62 -9.31 -5.35 -35.32
CA SER B 62 -10.19 -4.27 -34.78
C SER B 62 -11.63 -4.56 -35.16
N GLY B 63 -12.59 -3.92 -34.49
CA GLY B 63 -14.01 -3.90 -34.88
C GLY B 63 -14.89 -4.97 -34.25
N VAL B 64 -14.38 -5.79 -33.31
CA VAL B 64 -15.16 -6.94 -32.75
C VAL B 64 -16.42 -6.43 -32.01
N HIS B 65 -16.36 -5.26 -31.38
CA HIS B 65 -17.48 -4.62 -30.61
C HIS B 65 -18.70 -4.40 -31.49
N LYS B 66 -18.47 -4.13 -32.77
CA LYS B 66 -19.58 -3.91 -33.74
C LYS B 66 -20.32 -5.22 -34.00
N LYS B 67 -19.73 -6.38 -33.72
CA LYS B 67 -20.34 -7.71 -33.94
C LYS B 67 -21.08 -8.22 -32.68
N LEU B 68 -20.89 -7.60 -31.51
CA LEU B 68 -21.45 -8.07 -30.21
C LEU B 68 -22.79 -7.35 -29.95
N LYS B 69 -23.57 -7.89 -29.01
CA LYS B 69 -24.75 -7.22 -28.40
C LYS B 69 -24.29 -6.30 -27.27
N SER B 70 -24.18 -5.00 -27.54
CA SER B 70 -23.54 -4.02 -26.60
C SER B 70 -24.22 -3.99 -25.21
N GLU B 71 -25.53 -4.23 -25.12
CA GLU B 71 -26.30 -4.24 -23.82
C GLU B 71 -25.83 -5.38 -22.89
N LEU B 72 -25.24 -6.45 -23.42
CA LEU B 72 -24.74 -7.58 -22.60
C LEU B 72 -23.40 -7.21 -21.91
N TRP B 73 -22.68 -6.15 -22.33
CA TRP B 73 -21.29 -5.94 -21.87
C TRP B 73 -21.15 -4.65 -21.06
N LYS B 74 -22.22 -4.20 -20.40
CA LYS B 74 -22.24 -2.91 -19.67
C LYS B 74 -22.03 -3.16 -18.18
N PRO B 75 -21.23 -2.33 -17.48
CA PRO B 75 -21.05 -2.49 -16.03
C PRO B 75 -22.36 -2.50 -15.22
N GLU B 76 -23.35 -1.70 -15.62
CA GLU B 76 -24.67 -1.60 -14.91
C GLU B 76 -25.41 -2.94 -14.99
N ALA B 77 -25.31 -3.67 -16.12
CA ALA B 77 -25.97 -4.99 -16.28
C ALA B 77 -25.28 -6.07 -15.41
N PHE B 78 -23.96 -6.08 -15.28
CA PHE B 78 -23.26 -7.06 -14.41
C PHE B 78 -23.71 -6.81 -12.96
N SER B 79 -23.78 -5.55 -12.57
CA SER B 79 -24.18 -5.14 -11.20
C SER B 79 -25.62 -5.57 -10.94
N GLN B 80 -26.57 -5.31 -11.84
CA GLN B 80 -28.00 -5.66 -11.59
C GLN B 80 -28.17 -7.19 -11.58
N GLU B 81 -27.48 -7.93 -12.45
CA GLU B 81 -27.70 -9.38 -12.59
C GLU B 81 -26.95 -10.17 -11.51
N PHE B 82 -25.76 -9.73 -11.03
CA PHE B 82 -24.84 -10.61 -10.27
C PHE B 82 -24.32 -9.93 -9.00
N GLY B 83 -24.89 -8.77 -8.66
CA GLY B 83 -24.30 -7.80 -7.72
C GLY B 83 -24.31 -8.28 -6.26
N ASP B 84 -25.14 -9.29 -5.90
CA ASP B 84 -25.19 -9.72 -4.46
C ASP B 84 -24.25 -10.91 -4.24
N GLN B 85 -23.44 -11.30 -5.23
CA GLN B 85 -22.42 -12.37 -5.04
C GLN B 85 -21.26 -11.84 -4.18
N ASP B 86 -20.61 -12.73 -3.44
CA ASP B 86 -19.42 -12.37 -2.62
C ASP B 86 -18.18 -12.61 -3.47
N VAL B 87 -17.17 -11.77 -3.32
CA VAL B 87 -15.97 -11.82 -4.18
C VAL B 87 -14.76 -11.21 -3.47
N ASP B 88 -13.56 -11.53 -3.96
CA ASP B 88 -12.31 -10.84 -3.52
C ASP B 88 -11.89 -9.83 -4.58
N LEU B 89 -11.36 -8.70 -4.15
CA LEU B 89 -10.72 -7.67 -5.03
C LEU B 89 -9.23 -7.60 -4.71
N VAL B 90 -8.44 -7.07 -5.65
CA VAL B 90 -7.00 -6.77 -5.48
C VAL B 90 -6.77 -5.26 -5.67
N ASN B 91 -6.05 -4.66 -4.73
CA ASN B 91 -5.56 -3.27 -4.79
C ASN B 91 -4.31 -3.27 -5.70
N CYS B 92 -4.43 -2.72 -6.92
CA CYS B 92 -3.34 -2.76 -7.94
C CYS B 92 -2.08 -2.04 -7.43
N ARG B 93 -2.21 -1.06 -6.53
CA ARG B 93 -1.04 -0.25 -6.08
C ARG B 93 -0.16 -1.06 -5.11
N ASN B 94 -0.71 -1.95 -4.29
CA ASN B 94 0.10 -2.64 -3.25
C ASN B 94 -0.10 -4.16 -3.26
N CYS B 95 -0.89 -4.71 -4.19
CA CYS B 95 -1.20 -6.18 -4.35
C CYS B 95 -1.99 -6.73 -3.16
N ALA B 96 -2.52 -5.89 -2.27
CA ALA B 96 -3.34 -6.35 -1.11
C ALA B 96 -4.68 -6.95 -1.59
N ILE B 97 -5.13 -8.03 -0.95
CA ILE B 97 -6.45 -8.65 -1.22
C ILE B 97 -7.50 -8.06 -0.28
N ILE B 98 -8.60 -7.54 -0.83
CA ILE B 98 -9.78 -7.06 -0.09
C ILE B 98 -10.82 -8.20 -0.15
N SER B 99 -10.93 -9.01 0.91
CA SER B 99 -11.64 -10.32 0.87
C SER B 99 -13.14 -10.17 1.20
N ASP B 100 -13.98 -10.89 0.47
CA ASP B 100 -15.39 -11.13 0.83
C ASP B 100 -16.20 -9.82 0.86
N VAL B 101 -16.15 -9.04 -0.22
CA VAL B 101 -17.09 -7.92 -0.44
C VAL B 101 -18.10 -8.29 -1.53
N LYS B 102 -19.04 -7.39 -1.83
CA LYS B 102 -20.11 -7.64 -2.84
C LYS B 102 -19.61 -7.24 -4.23
N VAL B 103 -19.94 -8.05 -5.26
CA VAL B 103 -19.67 -7.75 -6.70
C VAL B 103 -20.19 -6.33 -7.00
N ARG B 104 -21.35 -5.91 -6.48
CA ARG B 104 -21.89 -4.54 -6.76
C ARG B 104 -20.97 -3.41 -6.24
N ASP B 105 -20.18 -3.66 -5.19
CA ASP B 105 -19.26 -2.60 -4.67
C ASP B 105 -18.06 -2.42 -5.62
N PHE B 106 -17.71 -3.39 -6.47
CA PHE B 106 -16.71 -3.19 -7.56
C PHE B 106 -17.39 -2.43 -8.71
N TRP B 107 -18.53 -2.93 -9.21
CA TRP B 107 -19.14 -2.40 -10.47
C TRP B 107 -19.67 -0.97 -10.23
N ASP B 108 -20.17 -0.65 -9.03
CA ASP B 108 -20.84 0.67 -8.85
C ASP B 108 -19.79 1.81 -8.80
N GLY B 109 -18.50 1.52 -8.59
CA GLY B 109 -17.41 2.51 -8.72
C GLY B 109 -16.63 2.42 -10.04
N PHE B 110 -17.07 1.60 -10.96
CA PHE B 110 -16.30 1.39 -12.22
C PHE B 110 -15.99 2.73 -12.92
N GLU B 111 -16.96 3.62 -12.97
CA GLU B 111 -16.84 4.92 -13.68
C GLU B 111 -17.10 6.11 -12.75
N ILE B 112 -17.59 5.90 -11.54
CA ILE B 112 -17.84 6.97 -10.50
C ILE B 112 -16.81 6.84 -9.38
N ILE B 113 -15.81 7.69 -9.39
CA ILE B 113 -14.61 7.56 -8.52
C ILE B 113 -15.01 7.73 -7.03
N CYS B 114 -15.96 8.62 -6.75
CA CYS B 114 -16.38 8.96 -5.35
C CYS B 114 -17.06 7.73 -4.70
N LYS B 115 -17.52 6.73 -5.47
CA LYS B 115 -18.23 5.52 -4.97
C LYS B 115 -17.25 4.39 -4.66
N ARG B 116 -15.98 4.55 -4.95
CA ARG B 116 -15.03 3.42 -4.80
C ARG B 116 -14.64 3.21 -3.32
N LEU B 117 -14.31 1.96 -2.98
CA LEU B 117 -13.65 1.60 -1.71
C LEU B 117 -12.31 2.35 -1.60
N ARG B 118 -12.02 2.89 -0.42
CA ARG B 118 -10.78 3.64 -0.10
C ARG B 118 -9.73 2.86 0.69
N SER B 119 -8.48 3.30 0.56
CA SER B 119 -7.31 2.78 1.29
C SER B 119 -7.19 3.60 2.62
N GLU B 120 -6.19 3.27 3.41
CA GLU B 120 -5.87 3.89 4.75
C GLU B 120 -5.67 5.41 4.59
N ASP B 121 -5.18 5.88 3.44
CA ASP B 121 -4.89 7.33 3.18
C ASP B 121 -6.14 8.11 2.77
N GLY B 122 -7.32 7.49 2.81
CA GLY B 122 -8.57 8.12 2.34
C GLY B 122 -8.73 8.26 0.84
N GLN B 123 -7.79 7.71 0.03
CA GLN B 123 -7.85 7.84 -1.45
C GLN B 123 -8.70 6.69 -2.01
N PRO B 124 -9.46 6.93 -3.08
CA PRO B 124 -10.12 5.85 -3.84
C PRO B 124 -9.09 4.85 -4.36
N MET B 125 -9.35 3.55 -4.20
CA MET B 125 -8.42 2.50 -4.68
C MET B 125 -8.65 2.24 -6.19
N VAL B 126 -7.56 1.84 -6.81
CA VAL B 126 -7.58 1.23 -8.17
C VAL B 126 -7.66 -0.27 -7.96
N LEU B 127 -8.81 -0.87 -8.30
CA LEU B 127 -9.14 -2.26 -7.96
C LEU B 127 -9.25 -3.14 -9.22
N LYS B 128 -8.94 -4.42 -9.07
CA LYS B 128 -9.32 -5.47 -10.04
C LYS B 128 -10.13 -6.57 -9.36
N LEU B 129 -11.10 -7.06 -10.09
CA LEU B 129 -11.95 -8.15 -9.61
C LEU B 129 -11.19 -9.44 -9.78
N LYS B 130 -11.00 -10.21 -8.72
CA LYS B 130 -10.21 -11.46 -8.77
C LYS B 130 -11.12 -12.65 -9.12
N ASP B 131 -10.70 -13.43 -10.11
CA ASP B 131 -11.27 -14.78 -10.38
C ASP B 131 -12.80 -14.70 -10.46
N TRP B 132 -13.33 -13.89 -11.38
CA TRP B 132 -14.79 -13.76 -11.55
C TRP B 132 -15.17 -13.68 -13.04
N PRO B 133 -16.16 -14.46 -13.52
CA PRO B 133 -16.70 -15.61 -12.81
C PRO B 133 -15.61 -16.59 -12.40
N PRO B 134 -15.78 -17.28 -11.25
CA PRO B 134 -14.74 -18.14 -10.70
C PRO B 134 -14.53 -19.44 -11.49
N GLY B 135 -13.27 -19.88 -11.54
CA GLY B 135 -12.85 -21.14 -12.15
C GLY B 135 -13.33 -21.16 -13.59
N GLU B 136 -14.17 -22.15 -13.94
CA GLU B 136 -14.70 -22.38 -15.32
C GLU B 136 -16.21 -22.12 -15.31
N ASP B 137 -16.71 -21.24 -14.41
CA ASP B 137 -18.18 -21.02 -14.25
C ASP B 137 -18.75 -20.07 -15.32
N PHE B 138 -17.89 -19.51 -16.20
CA PHE B 138 -18.28 -18.45 -17.18
C PHE B 138 -19.44 -18.96 -18.04
N ARG B 139 -19.30 -20.14 -18.63
CA ARG B 139 -20.41 -20.71 -19.45
C ARG B 139 -21.68 -20.91 -18.62
N ASP B 140 -21.58 -21.45 -17.40
CA ASP B 140 -22.80 -21.78 -16.59
C ASP B 140 -23.40 -20.50 -16.03
N MET B 141 -22.59 -19.53 -15.61
CA MET B 141 -23.14 -18.31 -14.95
C MET B 141 -23.69 -17.35 -16.00
N MET B 142 -23.07 -17.27 -17.18
CA MET B 142 -23.35 -16.22 -18.19
C MET B 142 -23.52 -16.85 -19.57
N PRO B 143 -24.54 -17.73 -19.79
CA PRO B 143 -24.65 -18.44 -21.07
C PRO B 143 -24.82 -17.55 -22.32
N THR B 144 -25.57 -16.44 -22.21
CA THR B 144 -25.86 -15.55 -23.36
C THR B 144 -24.61 -14.74 -23.72
N ARG B 145 -23.80 -14.36 -22.71
CA ARG B 145 -22.47 -13.71 -22.93
C ARG B 145 -21.48 -14.69 -23.58
N PHE B 146 -21.45 -15.94 -23.17
CA PHE B 146 -20.60 -16.99 -23.79
C PHE B 146 -20.91 -17.09 -25.28
N GLU B 147 -22.22 -17.24 -25.61
CA GLU B 147 -22.68 -17.42 -27.04
C GLU B 147 -22.28 -16.17 -27.84
N ASP B 148 -22.51 -14.98 -27.30
CA ASP B 148 -22.24 -13.70 -28.01
C ASP B 148 -20.75 -13.62 -28.34
N LEU B 149 -19.87 -13.90 -27.36
CA LEU B 149 -18.39 -13.87 -27.58
C LEU B 149 -17.90 -14.96 -28.55
N MET B 150 -18.20 -16.25 -28.33
CA MET B 150 -17.67 -17.35 -29.19
C MET B 150 -18.12 -17.23 -30.65
N GLU B 151 -19.39 -16.86 -30.91
CA GLU B 151 -19.88 -16.73 -32.29
C GLU B 151 -19.12 -15.60 -33.01
N ASN B 152 -18.48 -14.65 -32.30
CA ASN B 152 -17.95 -13.43 -32.95
C ASN B 152 -16.41 -13.27 -32.80
N LEU B 153 -15.74 -14.32 -32.34
CA LEU B 153 -14.26 -14.35 -32.18
C LEU B 153 -13.64 -14.29 -33.58
N PRO B 154 -12.65 -13.41 -33.80
CA PRO B 154 -11.94 -13.37 -35.08
C PRO B 154 -11.04 -14.61 -35.23
N LEU B 155 -10.59 -14.81 -36.46
CA LEU B 155 -9.76 -16.00 -36.88
C LEU B 155 -10.38 -17.25 -36.26
N PRO B 156 -11.67 -17.54 -36.54
CA PRO B 156 -12.35 -18.64 -35.88
C PRO B 156 -11.79 -20.06 -36.16
N GLU B 157 -11.13 -20.29 -37.30
CA GLU B 157 -10.54 -21.63 -37.53
C GLU B 157 -9.44 -21.86 -36.52
N TYR B 158 -8.84 -20.78 -35.93
CA TYR B 158 -7.75 -20.85 -34.92
C TYR B 158 -8.33 -20.83 -33.48
N THR B 159 -9.38 -20.04 -33.26
CA THR B 159 -9.82 -19.60 -31.89
C THR B 159 -11.01 -20.42 -31.36
N LYS B 160 -11.93 -20.94 -32.18
CA LYS B 160 -13.12 -21.69 -31.68
C LYS B 160 -12.71 -23.14 -31.32
N ARG B 161 -13.43 -23.79 -30.40
N ARG B 161 -13.45 -23.77 -30.41
CA ARG B 161 -13.07 -25.18 -29.94
CA ARG B 161 -13.15 -25.15 -29.92
C ARG B 161 -13.05 -26.15 -31.13
C ARG B 161 -13.08 -26.15 -31.10
N ASP B 162 -14.03 -26.08 -32.03
CA ASP B 162 -14.11 -26.98 -33.21
C ASP B 162 -13.45 -26.35 -34.43
N GLY B 163 -12.61 -25.32 -34.26
CA GLY B 163 -11.86 -24.71 -35.39
C GLY B 163 -11.01 -25.76 -36.10
N ARG B 164 -10.89 -25.67 -37.40
CA ARG B 164 -10.07 -26.61 -38.21
C ARG B 164 -8.61 -26.60 -37.73
N LEU B 165 -8.07 -25.45 -37.31
CA LEU B 165 -6.63 -25.36 -36.95
C LEU B 165 -6.44 -25.12 -35.46
N ASN B 166 -7.45 -25.32 -34.63
CA ASN B 166 -7.28 -25.32 -33.16
C ASN B 166 -7.04 -26.77 -32.70
N LEU B 167 -5.88 -27.02 -32.11
CA LEU B 167 -5.48 -28.40 -31.74
C LEU B 167 -5.83 -28.69 -30.28
N ALA B 168 -6.32 -27.71 -29.51
CA ALA B 168 -6.49 -27.85 -28.04
C ALA B 168 -7.37 -29.06 -27.65
N SER B 169 -8.48 -29.30 -28.33
CA SER B 169 -9.38 -30.43 -27.93
C SER B 169 -8.81 -31.80 -28.32
N ARG B 170 -7.84 -31.89 -29.22
CA ARG B 170 -7.27 -33.17 -29.72
C ARG B 170 -5.99 -33.60 -28.99
N LEU B 171 -5.22 -32.67 -28.42
CA LEU B 171 -3.86 -33.01 -27.91
C LEU B 171 -3.94 -33.50 -26.48
N PRO B 172 -2.99 -34.41 -26.13
CA PRO B 172 -2.82 -34.78 -24.72
C PRO B 172 -2.35 -33.69 -23.75
N SER B 173 -2.46 -33.98 -22.44
CA SER B 173 -2.20 -32.98 -21.36
C SER B 173 -0.76 -32.50 -21.33
N TYR B 174 0.19 -33.21 -21.93
CA TYR B 174 1.61 -32.75 -22.02
C TYR B 174 1.78 -31.60 -23.04
N PHE B 175 0.72 -31.24 -23.79
CA PHE B 175 0.71 -30.03 -24.68
C PHE B 175 -0.18 -28.92 -24.10
N VAL B 176 -1.27 -29.25 -23.41
CA VAL B 176 -2.35 -28.26 -23.14
C VAL B 176 -3.27 -28.74 -22.02
N ARG B 177 -3.73 -27.83 -21.16
CA ARG B 177 -4.73 -28.13 -20.12
C ARG B 177 -6.05 -28.50 -20.81
N PRO B 178 -6.83 -29.46 -20.27
CA PRO B 178 -8.12 -29.82 -20.89
C PRO B 178 -9.24 -28.77 -20.70
N ASP B 179 -10.23 -28.82 -21.60
CA ASP B 179 -11.53 -28.11 -21.48
C ASP B 179 -11.28 -26.59 -21.33
N LEU B 180 -10.64 -25.95 -22.31
CA LEU B 180 -10.39 -24.49 -22.27
C LEU B 180 -11.75 -23.78 -22.39
N GLY B 181 -11.94 -22.69 -21.63
CA GLY B 181 -13.12 -21.76 -21.75
C GLY B 181 -12.68 -20.33 -21.46
N PRO B 182 -13.53 -19.34 -21.77
CA PRO B 182 -13.15 -17.93 -21.67
C PRO B 182 -13.01 -17.48 -20.22
N LYS B 183 -12.17 -16.46 -20.05
CA LYS B 183 -11.92 -15.81 -18.73
C LYS B 183 -12.14 -14.30 -18.90
N MET B 184 -12.71 -13.66 -17.89
CA MET B 184 -13.08 -12.21 -17.89
C MET B 184 -12.05 -11.49 -17.05
N TYR B 185 -11.55 -10.32 -17.49
CA TYR B 185 -10.55 -9.49 -16.79
C TYR B 185 -11.11 -8.09 -16.60
N ASN B 186 -11.43 -7.73 -15.35
CA ASN B 186 -12.24 -6.53 -15.02
C ASN B 186 -11.44 -5.69 -14.02
N ALA B 187 -11.04 -4.48 -14.38
CA ALA B 187 -10.20 -3.65 -13.48
C ALA B 187 -10.40 -2.17 -13.78
N TYR B 188 -10.23 -1.32 -12.75
CA TYR B 188 -10.32 0.14 -12.91
C TYR B 188 -9.08 0.63 -13.69
N GLY B 189 -9.14 1.87 -14.19
CA GLY B 189 -7.97 2.58 -14.79
C GLY B 189 -6.96 3.08 -13.80
N LEU B 190 -5.67 2.99 -14.06
CA LEU B 190 -4.59 3.69 -13.30
C LEU B 190 -4.65 5.20 -13.57
N ILE B 191 -4.29 6.05 -12.56
CA ILE B 191 -4.73 7.48 -12.51
C ILE B 191 -3.56 8.45 -12.33
N THR B 192 -2.67 8.19 -11.36
CA THR B 192 -1.66 9.20 -10.90
C THR B 192 -0.35 9.09 -11.66
N ALA B 193 0.53 10.08 -11.49
CA ALA B 193 1.92 10.03 -12.00
C ALA B 193 2.65 8.84 -11.38
N GLU B 194 2.49 8.55 -10.08
CA GLU B 194 3.14 7.37 -9.44
C GLU B 194 2.53 6.07 -10.04
N ASP B 195 1.28 6.08 -10.45
CA ASP B 195 0.59 4.90 -11.06
C ASP B 195 1.24 4.56 -12.41
N ARG B 196 2.01 5.46 -13.03
CA ARG B 196 2.59 5.18 -14.37
C ARG B 196 3.48 3.95 -14.32
N ARG B 197 4.13 3.67 -13.18
CA ARG B 197 5.07 2.55 -12.99
C ARG B 197 4.39 1.26 -12.46
N VAL B 198 3.06 1.23 -12.37
CA VAL B 198 2.28 0.10 -11.80
C VAL B 198 1.65 -0.66 -12.99
N GLY B 199 1.58 -1.98 -12.89
CA GLY B 199 0.80 -2.83 -13.83
C GLY B 199 -0.63 -3.15 -13.34
N THR B 200 -1.61 -3.20 -14.24
CA THR B 200 -2.89 -3.89 -14.01
C THR B 200 -2.57 -5.39 -13.91
N THR B 201 -1.84 -5.91 -14.89
CA THR B 201 -1.33 -7.30 -14.89
C THR B 201 0.19 -7.28 -15.05
N ASN B 202 0.97 -7.77 -14.08
CA ASN B 202 2.44 -7.71 -14.12
C ASN B 202 2.97 -8.60 -15.25
N LEU B 203 4.21 -8.37 -15.65
CA LEU B 203 4.95 -9.15 -16.68
C LEU B 203 4.86 -10.66 -16.36
N HIS B 204 4.38 -11.47 -17.33
CA HIS B 204 4.20 -12.93 -17.13
C HIS B 204 4.20 -13.59 -18.51
N LEU B 205 4.22 -14.92 -18.59
CA LEU B 205 3.90 -15.60 -19.87
C LEU B 205 2.80 -16.63 -19.64
N ASP B 206 2.16 -17.04 -20.75
CA ASP B 206 1.10 -18.10 -20.77
C ASP B 206 1.62 -19.28 -21.60
N VAL B 207 1.24 -20.51 -21.20
CA VAL B 207 1.77 -21.76 -21.81
C VAL B 207 0.98 -22.12 -23.08
N SER B 208 -0.11 -21.41 -23.39
CA SER B 208 -0.87 -21.63 -24.65
C SER B 208 -0.89 -20.33 -25.45
N ASP B 209 -1.32 -20.40 -26.72
CA ASP B 209 -1.70 -19.19 -27.48
C ASP B 209 -2.97 -18.58 -26.87
N ALA B 210 -3.25 -17.27 -27.06
CA ALA B 210 -4.48 -16.64 -26.54
C ALA B 210 -4.89 -15.46 -27.42
N VAL B 211 -6.19 -15.15 -27.38
CA VAL B 211 -6.78 -13.91 -27.96
C VAL B 211 -7.48 -13.16 -26.82
N ASN B 212 -7.25 -11.86 -26.70
CA ASN B 212 -7.84 -11.00 -25.64
C ASN B 212 -8.67 -9.90 -26.30
N VAL B 213 -9.99 -9.90 -26.07
CA VAL B 213 -10.93 -8.89 -26.69
C VAL B 213 -11.32 -7.80 -25.68
N MET B 214 -11.18 -6.54 -26.04
CA MET B 214 -11.68 -5.38 -25.25
C MET B 214 -13.18 -5.22 -25.55
N VAL B 215 -14.08 -5.54 -24.57
CA VAL B 215 -15.54 -5.47 -24.84
C VAL B 215 -16.20 -4.21 -24.29
N TYR B 216 -15.55 -3.50 -23.38
CA TYR B 216 -16.12 -2.24 -22.78
C TYR B 216 -14.99 -1.39 -22.23
N VAL B 217 -15.06 -0.06 -22.46
CA VAL B 217 -14.15 0.93 -21.87
C VAL B 217 -14.97 2.03 -21.19
N GLY B 218 -14.70 2.23 -19.88
CA GLY B 218 -15.43 3.20 -19.04
C GLY B 218 -14.53 4.37 -18.73
N ILE B 219 -14.91 5.53 -19.21
CA ILE B 219 -14.18 6.80 -18.98
C ILE B 219 -14.98 7.60 -17.93
N PRO B 220 -14.46 7.78 -16.69
CA PRO B 220 -15.12 8.64 -15.70
C PRO B 220 -15.15 10.12 -16.14
N ILE B 221 -16.17 10.90 -15.72
CA ILE B 221 -16.15 12.41 -15.78
C ILE B 221 -16.08 12.96 -14.35
N ALA B 225 -12.26 15.64 -17.51
CA ALA B 225 -11.40 15.01 -18.55
C ALA B 225 -9.93 15.13 -18.13
N HIS B 226 -9.47 14.25 -17.23
CA HIS B 226 -8.02 14.09 -16.88
C HIS B 226 -7.36 13.22 -17.97
N ASP B 227 -7.34 13.74 -19.21
CA ASP B 227 -6.60 13.18 -20.38
C ASP B 227 -5.11 13.53 -20.23
N GLU B 228 -4.74 14.24 -19.15
CA GLU B 228 -3.38 14.80 -18.94
C GLU B 228 -2.38 13.66 -18.78
N GLU B 229 -2.55 12.88 -17.71
CA GLU B 229 -1.62 11.81 -17.30
C GLU B 229 -1.71 10.64 -18.30
N VAL B 230 -2.90 10.40 -18.86
CA VAL B 230 -3.13 9.36 -19.91
C VAL B 230 -2.29 9.70 -21.16
N LEU B 231 -2.33 10.94 -21.66
CA LEU B 231 -1.51 11.39 -22.83
C LEU B 231 -0.01 11.18 -22.55
N LYS B 232 0.46 11.51 -21.36
CA LYS B 232 1.89 11.36 -21.00
C LYS B 232 2.22 9.85 -20.86
N THR B 233 1.28 9.03 -20.40
CA THR B 233 1.55 7.57 -20.15
C THR B 233 1.76 6.84 -21.50
N ILE B 234 0.98 7.24 -22.51
CA ILE B 234 1.03 6.74 -23.91
C ILE B 234 2.40 7.09 -24.50
N ASP B 235 2.81 8.33 -24.29
CA ASP B 235 4.05 8.88 -24.89
C ASP B 235 5.28 8.14 -24.35
N GLU B 236 5.45 8.19 -23.03
CA GLU B 236 6.53 7.54 -22.25
C GLU B 236 6.47 6.01 -22.48
N GLY B 237 5.26 5.50 -22.71
CA GLY B 237 4.96 4.08 -23.01
C GLY B 237 5.53 3.66 -24.36
N ASP B 238 5.91 4.63 -25.22
CA ASP B 238 6.63 4.42 -26.51
C ASP B 238 5.66 3.98 -27.60
N ALA B 239 4.37 4.34 -27.51
CA ALA B 239 3.39 4.17 -28.60
C ALA B 239 3.88 4.94 -29.85
N ASP B 240 3.42 4.53 -31.03
CA ASP B 240 3.86 5.12 -32.32
C ASP B 240 3.04 6.38 -32.63
N GLU B 241 3.47 7.20 -33.59
CA GLU B 241 2.87 8.55 -33.79
C GLU B 241 1.44 8.45 -34.29
N VAL B 242 1.12 7.45 -35.10
CA VAL B 242 -0.24 7.27 -35.68
C VAL B 242 -1.23 7.01 -34.53
N THR B 243 -0.79 6.24 -33.52
CA THR B 243 -1.58 5.86 -32.32
C THR B 243 -1.80 7.12 -31.46
N LYS B 244 -0.73 7.84 -31.18
CA LYS B 244 -0.79 9.10 -30.37
C LYS B 244 -1.77 10.12 -30.95
N GLU B 245 -1.82 10.30 -32.28
CA GLU B 245 -2.75 11.29 -32.88
C GLU B 245 -4.20 10.82 -32.69
N ARG B 246 -4.44 9.50 -32.68
CA ARG B 246 -5.81 8.90 -32.55
C ARG B 246 -6.48 9.28 -31.23
N ILE B 247 -5.70 9.32 -30.13
CA ILE B 247 -6.27 9.50 -28.76
C ILE B 247 -6.28 11.01 -28.42
N HIS B 248 -5.50 11.83 -29.15
CA HIS B 248 -5.37 13.30 -28.92
C HIS B 248 -6.37 14.09 -29.77
N ASP B 249 -7.31 13.42 -30.47
CA ASP B 249 -8.52 14.06 -31.06
C ASP B 249 -9.75 13.17 -30.78
N HIS B 250 -9.73 12.45 -29.65
CA HIS B 250 -10.89 11.79 -29.00
C HIS B 250 -11.78 11.06 -30.02
N LYS B 251 -11.17 10.27 -30.92
CA LYS B 251 -11.87 9.27 -31.77
C LYS B 251 -11.34 7.89 -31.38
N GLU B 252 -12.24 6.96 -31.04
CA GLU B 252 -11.94 5.59 -30.55
C GLU B 252 -11.43 5.69 -29.10
N LYS B 253 -12.18 5.09 -28.17
CA LYS B 253 -11.85 5.03 -26.72
C LYS B 253 -10.67 4.09 -26.49
N PRO B 254 -9.52 4.60 -26.00
CA PRO B 254 -8.40 3.73 -25.61
C PRO B 254 -8.70 3.04 -24.27
N GLY B 255 -8.34 1.76 -24.13
CA GLY B 255 -8.58 0.99 -22.89
C GLY B 255 -7.30 0.66 -22.14
N ALA B 256 -6.30 0.08 -22.77
CA ALA B 256 -5.10 -0.41 -22.06
C ALA B 256 -3.85 -0.30 -22.92
N LEU B 257 -2.73 -0.10 -22.25
CA LEU B 257 -1.38 -0.09 -22.84
C LEU B 257 -0.71 -1.42 -22.52
N TRP B 258 -0.35 -2.18 -23.58
CA TRP B 258 0.37 -3.46 -23.45
C TRP B 258 1.86 -3.27 -23.81
N HIS B 259 2.76 -4.01 -23.22
CA HIS B 259 4.09 -4.29 -23.79
C HIS B 259 4.22 -5.81 -23.94
N ILE B 260 4.52 -6.26 -25.17
CA ILE B 260 4.67 -7.69 -25.52
C ILE B 260 6.09 -7.92 -26.04
N TYR B 261 6.73 -9.00 -25.63
CA TYR B 261 8.10 -9.42 -26.08
C TYR B 261 8.00 -10.77 -26.79
N ALA B 262 8.90 -11.00 -27.76
CA ALA B 262 9.00 -12.33 -28.42
C ALA B 262 9.33 -13.46 -27.42
N ALA B 263 8.76 -14.65 -27.64
CA ALA B 263 9.07 -15.88 -26.86
C ALA B 263 10.60 -16.12 -26.80
N LYS B 264 11.30 -15.91 -27.91
CA LYS B 264 12.79 -16.13 -27.96
C LYS B 264 13.58 -15.17 -27.06
N ASP B 265 13.01 -14.05 -26.58
CA ASP B 265 13.73 -13.04 -25.74
C ASP B 265 13.44 -13.22 -24.26
N ALA B 266 12.71 -14.25 -23.84
CA ALA B 266 12.30 -14.42 -22.42
C ALA B 266 13.55 -14.56 -21.53
N GLU B 267 14.55 -15.32 -21.95
CA GLU B 267 15.73 -15.63 -21.09
C GLU B 267 16.56 -14.36 -20.91
N LYS B 268 16.68 -13.51 -21.92
CA LYS B 268 17.38 -12.19 -21.80
C LYS B 268 16.63 -11.33 -20.78
N ILE B 269 15.28 -11.38 -20.76
CA ILE B 269 14.48 -10.57 -19.80
C ILE B 269 14.75 -11.13 -18.38
N ARG B 270 14.84 -12.46 -18.23
CA ARG B 270 15.11 -13.10 -16.92
C ARG B 270 16.51 -12.63 -16.43
N GLU B 271 17.49 -12.62 -17.31
CA GLU B 271 18.88 -12.17 -16.97
C GLU B 271 18.83 -10.76 -16.38
N LEU B 272 18.16 -9.81 -17.06
CA LEU B 272 18.05 -8.41 -16.61
C LEU B 272 17.40 -8.34 -15.22
N LEU B 273 16.26 -8.99 -15.01
CA LEU B 273 15.50 -8.87 -13.75
C LEU B 273 16.18 -9.64 -12.60
N ARG B 274 16.98 -10.67 -12.89
CA ARG B 274 17.87 -11.26 -11.85
C ARG B 274 18.85 -10.18 -11.36
N LYS B 275 19.50 -9.46 -12.28
CA LYS B 275 20.49 -8.41 -11.95
C LYS B 275 19.80 -7.35 -11.09
N VAL B 276 18.76 -6.71 -11.61
CA VAL B 276 18.06 -5.55 -10.98
C VAL B 276 17.55 -5.96 -9.59
N GLY B 277 17.11 -7.21 -9.44
CA GLY B 277 16.62 -7.76 -8.17
C GLY B 277 17.74 -7.83 -7.17
N GLU B 278 18.95 -8.20 -7.63
CA GLU B 278 20.18 -8.30 -6.82
C GLU B 278 20.53 -6.89 -6.35
N GLU B 279 20.51 -5.91 -7.28
CA GLU B 279 20.79 -4.47 -7.04
C GLU B 279 19.80 -3.90 -6.02
N GLN B 280 18.57 -4.39 -5.95
CA GLN B 280 17.50 -3.80 -5.11
C GLN B 280 17.43 -4.52 -3.76
N GLY B 281 18.34 -5.45 -3.47
CA GLY B 281 18.44 -6.12 -2.16
C GLY B 281 18.13 -7.60 -2.23
N GLN B 282 17.08 -7.98 -2.99
CA GLN B 282 16.56 -9.37 -3.10
C GLN B 282 17.72 -10.38 -3.06
N GLU B 283 17.56 -11.47 -2.29
CA GLU B 283 18.49 -12.63 -2.27
C GLU B 283 17.77 -13.80 -2.94
N ASN B 284 18.06 -14.03 -4.22
CA ASN B 284 17.41 -15.07 -5.08
C ASN B 284 18.49 -16.06 -5.52
N PRO B 285 18.18 -17.38 -5.69
CA PRO B 285 19.10 -18.30 -6.33
C PRO B 285 19.40 -17.92 -7.80
N PRO B 286 20.52 -18.39 -8.38
CA PRO B 286 20.84 -18.05 -9.78
C PRO B 286 19.82 -18.62 -10.78
N ASP B 287 19.00 -19.59 -10.33
CA ASP B 287 17.97 -20.32 -11.11
C ASP B 287 16.65 -19.55 -11.13
N HIS B 288 16.49 -18.62 -10.20
CA HIS B 288 15.25 -17.84 -9.98
C HIS B 288 14.64 -17.36 -11.32
N ASP B 289 13.31 -17.49 -11.43
CA ASP B 289 12.56 -17.09 -12.66
C ASP B 289 11.67 -15.90 -12.33
N PRO B 290 12.13 -14.65 -12.62
CA PRO B 290 11.33 -13.46 -12.35
C PRO B 290 10.06 -13.30 -13.21
N ILE B 291 10.00 -13.99 -14.36
CA ILE B 291 8.76 -14.00 -15.21
C ILE B 291 7.72 -14.90 -14.52
N HIS B 292 8.11 -16.09 -14.06
CA HIS B 292 7.22 -17.00 -13.29
C HIS B 292 6.70 -16.30 -12.02
N ASP B 293 7.53 -15.46 -11.39
CA ASP B 293 7.15 -14.75 -10.14
C ASP B 293 6.01 -13.76 -10.34
N GLN B 294 5.78 -13.23 -11.56
CA GLN B 294 4.71 -12.26 -11.87
C GLN B 294 4.80 -11.05 -10.92
N SER B 295 6.04 -10.64 -10.53
CA SER B 295 6.25 -9.58 -9.52
C SER B 295 6.74 -8.25 -10.12
N TRP B 296 7.01 -8.17 -11.43
CA TRP B 296 7.69 -7.03 -12.11
C TRP B 296 6.73 -6.32 -13.07
N TYR B 297 6.81 -4.99 -13.10
CA TYR B 297 6.25 -4.21 -14.22
C TYR B 297 7.43 -3.42 -14.82
N LEU B 298 7.70 -3.61 -16.11
CA LEU B 298 8.82 -2.88 -16.74
C LEU B 298 8.39 -1.42 -17.04
N ASP B 299 8.91 -0.48 -16.24
CA ASP B 299 8.67 0.98 -16.38
C ASP B 299 9.59 1.53 -17.46
N GLN B 300 9.59 2.85 -17.69
CA GLN B 300 10.41 3.41 -18.80
C GLN B 300 11.89 3.10 -18.58
N THR B 301 12.39 3.25 -17.36
CA THR B 301 13.82 3.04 -17.02
C THR B 301 14.18 1.59 -17.35
N LEU B 302 13.32 0.64 -16.97
CA LEU B 302 13.63 -0.80 -17.19
C LEU B 302 13.53 -1.11 -18.69
N ARG B 303 12.52 -0.63 -19.43
CA ARG B 303 12.40 -0.93 -20.88
C ARG B 303 13.65 -0.37 -21.62
N LYS B 304 14.08 0.84 -21.27
CA LYS B 304 15.24 1.46 -21.97
C LYS B 304 16.48 0.59 -21.74
N ARG B 305 16.72 0.20 -20.50
CA ARG B 305 17.86 -0.65 -20.08
C ARG B 305 17.80 -2.04 -20.75
N LEU B 306 16.61 -2.64 -20.89
CA LEU B 306 16.45 -3.93 -21.62
C LEU B 306 16.97 -3.73 -23.05
N TYR B 307 16.56 -2.67 -23.73
CA TYR B 307 16.99 -2.42 -25.13
C TYR B 307 18.51 -2.21 -25.21
N GLU B 308 19.00 -1.24 -24.42
N GLU B 308 19.03 -1.27 -24.42
CA GLU B 308 20.42 -0.80 -24.35
CA GLU B 308 20.45 -0.84 -24.49
C GLU B 308 21.32 -2.01 -24.11
C GLU B 308 21.37 -2.01 -24.11
N GLU B 309 21.12 -2.69 -22.97
CA GLU B 309 22.00 -3.80 -22.51
C GLU B 309 21.78 -5.10 -23.30
N TYR B 310 20.56 -5.47 -23.70
CA TYR B 310 20.33 -6.85 -24.22
C TYR B 310 19.85 -6.84 -25.68
N GLY B 311 19.56 -5.68 -26.27
CA GLY B 311 19.12 -5.59 -27.68
C GLY B 311 17.65 -5.96 -27.86
N VAL B 312 16.87 -6.01 -26.77
CA VAL B 312 15.43 -6.47 -26.84
C VAL B 312 14.49 -5.26 -26.88
N GLN B 313 13.65 -5.21 -27.92
CA GLN B 313 12.76 -4.06 -28.24
C GLN B 313 11.32 -4.30 -27.71
N GLY B 314 10.61 -5.31 -28.21
CA GLY B 314 9.18 -5.49 -27.83
C GLY B 314 8.22 -4.51 -28.50
N TRP B 315 6.91 -4.78 -28.40
CA TRP B 315 5.82 -4.04 -29.08
C TRP B 315 5.03 -3.29 -28.01
N ALA B 316 4.81 -1.97 -28.17
CA ALA B 316 3.95 -1.13 -27.31
C ALA B 316 2.64 -0.95 -28.05
N ILE B 317 1.56 -1.51 -27.51
CA ILE B 317 0.24 -1.60 -28.19
C ILE B 317 -0.81 -0.91 -27.31
N VAL B 318 -1.58 0.00 -27.91
CA VAL B 318 -2.82 0.53 -27.30
C VAL B 318 -4.02 -0.25 -27.82
N GLN B 319 -4.71 -0.94 -26.90
CA GLN B 319 -5.91 -1.75 -27.16
C GLN B 319 -7.12 -0.83 -26.96
N PHE B 320 -7.80 -0.48 -28.05
CA PHE B 320 -9.04 0.33 -28.00
C PHE B 320 -10.26 -0.58 -27.84
N LEU B 321 -11.43 -0.01 -27.63
CA LEU B 321 -12.72 -0.76 -27.61
C LEU B 321 -12.87 -1.55 -28.91
N GLY B 322 -13.10 -2.87 -28.78
CA GLY B 322 -13.32 -3.83 -29.90
C GLY B 322 -12.03 -4.41 -30.47
N ASP B 323 -10.86 -4.03 -29.95
CA ASP B 323 -9.54 -4.55 -30.42
C ASP B 323 -9.33 -5.95 -29.78
N ALA B 324 -9.03 -6.93 -30.61
CA ALA B 324 -8.57 -8.27 -30.21
C ALA B 324 -7.07 -8.38 -30.38
N VAL B 325 -6.34 -8.68 -29.31
CA VAL B 325 -4.87 -8.85 -29.29
C VAL B 325 -4.55 -10.35 -29.23
N PHE B 326 -3.84 -10.83 -30.27
CA PHE B 326 -3.37 -12.23 -30.34
C PHE B 326 -1.98 -12.30 -29.75
N ILE B 327 -1.78 -13.20 -28.78
CA ILE B 327 -0.53 -13.34 -27.96
C ILE B 327 0.06 -14.73 -28.14
N PRO B 328 1.25 -14.88 -28.78
CA PRO B 328 1.89 -16.18 -28.96
C PRO B 328 2.20 -16.83 -27.62
N ALA B 329 2.03 -18.16 -27.55
CA ALA B 329 2.47 -18.98 -26.41
C ALA B 329 3.92 -18.60 -26.04
N GLY B 330 4.15 -18.28 -24.77
CA GLY B 330 5.52 -18.04 -24.25
C GLY B 330 5.98 -16.59 -24.46
N ALA B 331 5.22 -15.73 -25.13
CA ALA B 331 5.60 -14.30 -25.35
C ALA B 331 5.37 -13.58 -24.03
N PRO B 332 6.41 -13.09 -23.32
CA PRO B 332 6.15 -12.33 -22.07
C PRO B 332 5.37 -11.04 -22.33
N HIS B 333 4.48 -10.67 -21.41
CA HIS B 333 3.63 -9.48 -21.60
C HIS B 333 3.13 -8.91 -20.27
N GLN B 334 2.86 -7.61 -20.32
CA GLN B 334 2.33 -6.81 -19.17
C GLN B 334 1.21 -5.91 -19.70
N VAL B 335 0.27 -5.52 -18.82
CA VAL B 335 -0.89 -4.68 -19.19
C VAL B 335 -1.06 -3.54 -18.18
N HIS B 336 -1.35 -2.33 -18.67
CA HIS B 336 -1.56 -1.11 -17.84
C HIS B 336 -2.86 -0.47 -18.28
N ASN B 337 -3.96 -0.58 -17.50
CA ASN B 337 -5.25 0.02 -17.91
C ASN B 337 -5.16 1.57 -17.83
N LEU B 338 -5.51 2.24 -18.94
CA LEU B 338 -5.62 3.71 -19.06
C LEU B 338 -6.95 4.19 -18.48
N TYR B 339 -8.02 3.45 -18.72
CA TYR B 339 -9.38 3.73 -18.21
C TYR B 339 -9.92 2.39 -17.65
N SER B 340 -11.09 2.38 -17.03
CA SER B 340 -11.71 1.13 -16.56
C SER B 340 -12.01 0.23 -17.77
N CYS B 341 -11.66 -1.05 -17.69
CA CYS B 341 -11.80 -2.00 -18.83
C CYS B 341 -12.52 -3.29 -18.46
N ILE B 342 -13.36 -3.80 -19.39
CA ILE B 342 -13.81 -5.22 -19.38
C ILE B 342 -13.17 -5.93 -20.58
N LYS B 343 -12.33 -6.92 -20.32
CA LYS B 343 -11.68 -7.77 -21.38
C LYS B 343 -12.17 -9.21 -21.24
N VAL B 344 -12.24 -9.98 -22.36
CA VAL B 344 -12.54 -11.43 -22.29
C VAL B 344 -11.48 -12.12 -23.15
N ALA B 345 -10.84 -13.14 -22.61
CA ALA B 345 -9.75 -13.88 -23.31
C ALA B 345 -10.09 -15.36 -23.48
N GLU B 346 -9.62 -15.96 -24.59
CA GLU B 346 -9.79 -17.41 -24.87
C GLU B 346 -8.42 -18.00 -25.25
N ASP B 347 -8.00 -19.06 -24.59
CA ASP B 347 -6.77 -19.84 -24.92
C ASP B 347 -7.07 -20.79 -26.09
N PHE B 348 -6.04 -21.06 -26.89
CA PHE B 348 -6.12 -22.04 -28.02
C PHE B 348 -4.71 -22.59 -28.28
N VAL B 349 -4.60 -23.56 -29.20
CA VAL B 349 -3.29 -24.16 -29.58
C VAL B 349 -3.16 -24.17 -31.10
N SER B 350 -2.36 -23.28 -31.69
CA SER B 350 -2.09 -23.32 -33.16
C SER B 350 -1.01 -24.34 -33.52
N PRO B 351 -1.07 -24.92 -34.73
CA PRO B 351 -0.02 -25.80 -35.23
C PRO B 351 1.36 -25.12 -35.24
N GLU B 352 1.41 -23.83 -35.56
CA GLU B 352 2.64 -23.01 -35.70
C GLU B 352 3.40 -23.06 -34.36
N HIS B 353 2.71 -23.13 -33.22
CA HIS B 353 3.32 -22.98 -31.88
C HIS B 353 3.25 -24.27 -31.02
N VAL B 354 2.93 -25.43 -31.60
CA VAL B 354 2.70 -26.68 -30.83
C VAL B 354 4.00 -27.14 -30.13
N LYS B 355 5.17 -26.94 -30.74
CA LYS B 355 6.46 -27.34 -30.09
C LYS B 355 6.68 -26.50 -28.82
N HIS B 356 6.46 -25.20 -28.93
CA HIS B 356 6.56 -24.24 -27.80
C HIS B 356 5.61 -24.65 -26.69
N CYS B 357 4.35 -24.96 -27.02
CA CYS B 357 3.35 -25.35 -26.03
C CYS B 357 3.81 -26.58 -25.21
N PHE B 358 4.43 -27.58 -25.86
CA PHE B 358 5.01 -28.77 -25.16
C PHE B 358 6.12 -28.31 -24.18
N ARG B 359 7.04 -27.48 -24.63
CA ARG B 359 8.21 -27.07 -23.81
C ARG B 359 7.73 -26.19 -22.65
N LEU B 360 6.82 -25.27 -22.90
CA LEU B 360 6.29 -24.40 -21.83
C LEU B 360 5.52 -25.22 -20.79
N THR B 361 4.73 -26.23 -21.18
CA THR B 361 3.97 -27.07 -20.23
C THR B 361 4.98 -27.82 -19.35
N GLN B 362 6.02 -28.35 -19.98
CA GLN B 362 7.11 -29.08 -19.25
C GLN B 362 7.69 -28.14 -18.16
N GLU B 363 8.06 -26.93 -18.53
CA GLU B 363 8.73 -25.94 -17.63
C GLU B 363 7.74 -25.56 -16.53
N PHE B 364 6.43 -25.39 -16.85
CA PHE B 364 5.43 -25.01 -15.82
C PHE B 364 5.38 -26.10 -14.77
N ARG B 365 5.33 -27.36 -15.19
CA ARG B 365 5.31 -28.53 -14.27
C ARG B 365 6.57 -28.54 -13.39
N HIS B 366 7.74 -28.24 -13.96
CA HIS B 366 9.05 -28.21 -13.22
C HIS B 366 9.04 -27.08 -12.17
N LEU B 367 8.58 -25.90 -12.55
CA LEU B 367 8.50 -24.71 -11.64
C LEU B 367 7.44 -24.95 -10.57
N SER B 368 6.46 -25.80 -10.81
CA SER B 368 5.35 -26.15 -9.88
C SER B 368 5.92 -26.79 -8.62
N ASN B 369 6.79 -27.80 -8.78
CA ASN B 369 7.32 -28.63 -7.66
C ASN B 369 8.84 -28.46 -7.58
C4 S9P C . 15.61 13.99 36.44
C5 S9P C . 14.28 14.49 36.39
C6 S9P C . 13.22 13.96 37.16
C7 S9P C . 13.59 12.88 37.99
N S9P C . 14.93 11.29 38.97
C S9P C . 13.12 10.22 40.38
O S9P C . 12.79 12.15 38.87
C1 S9P C . 13.68 11.20 39.41
C2 S9P C . 14.91 12.37 38.05
C3 S9P C . 15.94 12.93 37.28
O1 S9P C . 14.12 15.50 35.51
CL CL D . -12.34 -1.81 30.53
CL CL E . 10.90 -12.27 26.02
CL CL F . 8.60 10.37 11.99
CL CL G . -14.32 10.85 16.54
MN MN H . 0.73 7.25 15.99
C4 S9P I . -11.04 10.16 -24.48
C5 S9P I . -10.29 9.68 -25.59
C6 S9P I . -10.89 9.13 -26.74
C7 S9P I . -12.29 9.12 -26.72
N S9P I . -14.46 9.43 -25.98
C S9P I . -15.54 8.54 -28.12
O S9P I . -13.13 8.69 -27.72
C1 S9P I . -14.43 8.91 -27.21
C2 S9P I . -13.08 9.59 -25.63
C3 S9P I . -12.43 10.13 -24.49
O1 S9P I . -8.93 9.79 -25.48
CL CL J . -25.65 -14.36 -19.54
MN MN K . -1.36 -13.31 -20.14
#